data_3D4O
#
_entry.id   3D4O
#
_cell.length_a   59.650
_cell.length_b   142.420
_cell.length_c   74.860
_cell.angle_alpha   90.000
_cell.angle_beta   93.490
_cell.angle_gamma   90.000
#
_symmetry.space_group_name_H-M   'P 1 21 1'
#
loop_
_entity.id
_entity.type
_entity.pdbx_description
1 polymer 'Dipicolinate synthase subunit A'
2 non-polymer 1,2-ETHANEDIOL
3 non-polymer 'D(-)-TARTARIC ACID'
4 water water
#
_entity_poly.entity_id   1
_entity_poly.type   'polypeptide(L)'
_entity_poly.pdbx_seq_one_letter_code
;G(MSE)LTGKHVVIIGGDARQLEIIRKLSTFDAKISLVGFDQLDDGFIGVTK(MSE)RIDEVDWNTVDAILLPISGTNEA
GKVDTIFSNESIVLTEE(MSE)IEKTPNHCVVYSGISNTYLNQC(MSE)KKTNRTLVKL(MSE)ERDDIAIYNSIPTAEG
TI(MSE)(MSE)AIQHTDFTIHGANVAVLGLGRVG(MSE)SVARKFAALGAKVKVGARESDLLARIAE(MSE)G(MSE)E
PFHISKAAQELRDVDVCINTIPALVVTANVLAE(MSE)PSHTFVIDLASKPGGTDFRYAEKRGIKALLVPGLPGIVAPKT
AGRILADVLVKLLAEPS
;
_entity_poly.pdbx_strand_id   A,B,C,D
#
# COMPACT_ATOMS: atom_id res chain seq x y z
N GLY A 1 -21.52 1.51 -30.69
CA GLY A 1 -22.55 1.23 -29.63
C GLY A 1 -23.40 2.45 -29.36
N LEU A 3 -26.57 5.30 -29.79
CA LEU A 3 -27.96 5.26 -29.35
C LEU A 3 -28.84 6.03 -30.29
N THR A 4 -28.32 6.15 -31.50
CA THR A 4 -29.03 6.81 -32.56
C THR A 4 -30.36 6.12 -32.71
N GLY A 5 -31.42 6.90 -32.79
CA GLY A 5 -32.78 6.36 -32.92
C GLY A 5 -33.46 6.05 -31.58
N LYS A 6 -32.68 6.06 -30.51
CA LYS A 6 -33.21 5.86 -29.14
C LYS A 6 -33.73 7.17 -28.58
N HIS A 7 -34.95 7.13 -28.04
CA HIS A 7 -35.56 8.30 -27.36
C HIS A 7 -35.67 8.07 -25.83
N VAL A 8 -34.91 8.87 -25.10
CA VAL A 8 -34.86 8.78 -23.64
C VAL A 8 -35.38 10.06 -23.01
N VAL A 9 -36.16 9.86 -21.97
CA VAL A 9 -36.67 10.94 -21.14
C VAL A 9 -35.96 10.86 -19.82
N ILE A 10 -35.27 11.94 -19.51
CA ILE A 10 -34.59 12.12 -18.24
C ILE A 10 -35.41 13.12 -17.40
N ILE A 11 -35.95 12.59 -16.31
CA ILE A 11 -36.77 13.36 -15.43
C ILE A 11 -36.05 13.64 -14.13
N GLY A 12 -35.76 14.91 -13.91
CA GLY A 12 -35.12 15.34 -12.68
C GLY A 12 -33.77 14.71 -12.41
N GLY A 13 -33.36 14.94 -11.17
CA GLY A 13 -32.12 14.44 -10.64
C GLY A 13 -31.27 15.52 -9.99
N ASP A 14 -29.96 15.31 -10.06
CA ASP A 14 -28.99 16.23 -9.49
C ASP A 14 -27.72 16.29 -10.31
N ALA A 15 -26.63 16.68 -9.67
CA ALA A 15 -25.39 16.91 -10.41
C ALA A 15 -24.91 15.68 -11.17
N ARG A 16 -25.26 14.50 -10.67
CA ARG A 16 -24.81 13.25 -11.34
C ARG A 16 -25.53 13.08 -12.71
N GLN A 17 -26.74 13.60 -12.76
CA GLN A 17 -27.51 13.55 -14.01
C GLN A 17 -26.81 14.30 -15.14
N LEU A 18 -26.02 15.31 -14.76
CA LEU A 18 -25.32 16.11 -15.77
C LEU A 18 -24.36 15.24 -16.61
N GLU A 19 -23.79 14.24 -15.96
CA GLU A 19 -22.82 13.35 -16.63
C GLU A 19 -23.53 12.33 -17.48
N ILE A 20 -24.75 11.98 -17.04
CA ILE A 20 -25.59 11.04 -17.80
C ILE A 20 -26.04 11.74 -19.08
N ILE A 21 -26.42 13.00 -18.94
CA ILE A 21 -26.90 13.77 -20.11
C ILE A 21 -25.81 13.88 -21.16
N ARG A 22 -24.61 14.11 -20.66
CA ARG A 22 -23.45 14.32 -21.50
C ARG A 22 -23.06 13.02 -22.23
N LYS A 23 -22.97 11.89 -21.52
CA LYS A 23 -22.71 10.60 -22.21
C LYS A 23 -23.76 10.27 -23.29
N LEU A 24 -25.00 10.43 -22.92
CA LEU A 24 -26.11 10.05 -23.81
C LEU A 24 -26.13 10.90 -25.06
N SER A 25 -25.73 12.15 -24.90
CA SER A 25 -25.71 13.10 -26.02
C SER A 25 -24.61 12.68 -27.01
N THR A 26 -23.49 12.28 -26.42
CA THR A 26 -22.34 11.84 -27.20
C THR A 26 -22.65 10.57 -27.98
N PHE A 27 -23.40 9.69 -27.34
CA PHE A 27 -23.84 8.43 -27.97
C PHE A 27 -25.05 8.61 -28.89
N ASP A 28 -25.43 9.86 -29.08
CA ASP A 28 -26.45 10.26 -30.08
C ASP A 28 -27.89 9.82 -29.78
N ALA A 29 -28.18 9.71 -28.49
CA ALA A 29 -29.53 9.40 -28.08
C ALA A 29 -30.36 10.64 -28.24
N LYS A 30 -31.65 10.48 -28.57
CA LYS A 30 -32.58 11.63 -28.55
C LYS A 30 -33.00 11.78 -27.10
N ILE A 31 -32.79 12.96 -26.55
CA ILE A 31 -33.08 13.24 -25.14
C ILE A 31 -34.09 14.34 -24.87
N SER A 32 -35.13 13.96 -24.15
CA SER A 32 -36.15 14.87 -23.64
C SER A 32 -35.78 15.07 -22.20
N LEU A 33 -35.57 16.33 -21.84
CA LEU A 33 -35.19 16.71 -20.49
C LEU A 33 -36.31 17.38 -19.77
N VAL A 34 -36.66 16.83 -18.62
CA VAL A 34 -37.72 17.35 -17.79
C VAL A 34 -37.13 17.74 -16.44
N GLY A 35 -37.35 19.01 -16.08
CA GLY A 35 -36.91 19.56 -14.80
C GLY A 35 -35.51 20.16 -14.84
N PHE A 36 -35.11 20.65 -16.01
CA PHE A 36 -33.77 21.24 -16.18
C PHE A 36 -33.82 22.62 -16.84
N ASP A 37 -34.93 23.31 -16.65
CA ASP A 37 -35.11 24.62 -17.28
C ASP A 37 -34.09 25.67 -16.82
N GLN A 38 -33.32 25.34 -15.79
CA GLN A 38 -32.31 26.26 -15.26
C GLN A 38 -30.93 25.92 -15.80
N LEU A 39 -30.87 24.90 -16.63
CA LEU A 39 -29.59 24.41 -17.14
C LEU A 39 -29.05 25.30 -18.26
N ASP A 40 -27.77 25.07 -18.53
CA ASP A 40 -26.94 25.74 -19.58
C ASP A 40 -26.26 26.98 -19.04
N PHE A 43 -26.42 22.62 -23.07
CA PHE A 43 -26.18 21.25 -23.52
C PHE A 43 -26.67 21.02 -24.91
N ILE A 44 -25.76 20.46 -25.66
CA ILE A 44 -25.98 20.10 -27.04
C ILE A 44 -26.79 18.81 -27.09
N GLY A 45 -27.59 18.73 -28.14
CA GLY A 45 -28.42 17.56 -28.43
C GLY A 45 -29.45 17.14 -27.42
N VAL A 46 -30.19 18.11 -26.87
CA VAL A 46 -31.27 17.83 -25.91
C VAL A 46 -32.40 18.84 -26.03
N THR A 47 -33.58 18.38 -25.67
CA THR A 47 -34.77 19.20 -25.69
C THR A 47 -35.43 19.26 -24.32
N LYS A 48 -35.38 20.46 -23.77
CA LYS A 48 -35.94 20.76 -22.45
C LYS A 48 -37.44 20.93 -22.60
N ARG A 50 -41.50 20.34 -20.30
CA ARG A 50 -42.32 20.08 -19.13
C ARG A 50 -42.87 18.67 -19.22
N ILE A 51 -43.04 18.07 -18.05
CA ILE A 51 -43.55 16.70 -17.92
C ILE A 51 -44.82 16.47 -18.75
N ASP A 52 -45.63 17.52 -18.80
CA ASP A 52 -46.93 17.48 -19.48
C ASP A 52 -46.81 17.55 -21.01
N GLU A 53 -45.56 17.68 -21.48
CA GLU A 53 -45.27 17.87 -22.93
C GLU A 53 -44.63 16.66 -23.58
N VAL A 54 -44.22 15.71 -22.76
CA VAL A 54 -43.52 14.51 -23.25
C VAL A 54 -44.29 13.61 -24.24
N ASP A 55 -43.59 13.26 -25.30
CA ASP A 55 -44.15 12.35 -26.32
C ASP A 55 -43.87 10.91 -25.88
N TRP A 56 -44.68 10.48 -24.92
CA TRP A 56 -44.51 9.16 -24.28
C TRP A 56 -44.56 8.01 -25.27
N ASN A 57 -45.34 8.22 -26.33
CA ASN A 57 -45.56 7.23 -27.38
C ASN A 57 -44.28 6.79 -28.03
N THR A 58 -43.24 7.60 -27.91
CA THR A 58 -41.98 7.27 -28.58
C THR A 58 -40.79 7.14 -27.64
N VAL A 59 -41.07 7.12 -26.35
CA VAL A 59 -40.02 6.99 -25.33
C VAL A 59 -39.62 5.55 -25.19
N ASP A 60 -38.31 5.29 -25.33
CA ASP A 60 -37.75 3.93 -25.22
C ASP A 60 -37.33 3.67 -23.82
N ALA A 61 -37.06 4.75 -23.11
CA ALA A 61 -36.62 4.65 -21.70
C ALA A 61 -36.88 5.91 -20.90
N ILE A 62 -37.20 5.70 -19.62
CA ILE A 62 -37.42 6.79 -18.66
C ILE A 62 -36.35 6.67 -17.60
N LEU A 63 -35.54 7.72 -17.46
CA LEU A 63 -34.45 7.78 -16.49
C LEU A 63 -34.79 8.70 -15.32
N LEU A 64 -34.93 8.07 -14.16
CA LEU A 64 -35.30 8.74 -12.91
C LEU A 64 -34.10 8.96 -11.99
N PRO A 65 -34.26 9.85 -10.99
CA PRO A 65 -33.13 10.07 -10.12
C PRO A 65 -32.76 8.79 -9.37
N ILE A 66 -31.63 8.82 -8.69
CA ILE A 66 -31.15 7.62 -7.97
C ILE A 66 -32.20 7.15 -6.98
N SER A 67 -32.96 8.11 -6.47
CA SER A 67 -33.93 7.84 -5.43
C SER A 67 -35.32 7.56 -6.00
N GLY A 68 -35.41 7.55 -7.33
CA GLY A 68 -36.70 7.31 -8.02
C GLY A 68 -37.71 8.44 -7.83
N THR A 69 -38.83 8.11 -7.18
CA THR A 69 -39.87 9.07 -6.84
C THR A 69 -40.25 8.99 -5.35
N ASN A 70 -41.18 9.85 -4.95
CA ASN A 70 -41.71 9.85 -3.58
CA ASN A 70 -41.68 9.79 -3.57
C ASN A 70 -42.88 8.88 -3.65
N GLU A 71 -43.63 8.77 -2.56
CA GLU A 71 -44.75 7.83 -2.53
C GLU A 71 -45.96 8.32 -3.27
N ALA A 72 -45.87 9.56 -3.71
CA ALA A 72 -46.93 10.22 -4.47
C ALA A 72 -46.52 10.37 -5.94
N GLY A 73 -45.33 9.88 -6.25
CA GLY A 73 -44.81 9.91 -7.62
C GLY A 73 -44.02 11.15 -7.97
N LYS A 74 -43.76 11.99 -6.96
CA LYS A 74 -43.00 13.23 -7.19
C LYS A 74 -41.55 12.92 -7.50
N VAL A 75 -41.07 13.60 -8.52
CA VAL A 75 -39.69 13.47 -8.95
C VAL A 75 -38.93 14.74 -8.62
N ASP A 76 -37.93 14.61 -7.76
CA ASP A 76 -37.09 15.77 -7.38
C ASP A 76 -36.07 16.23 -8.42
N THR A 77 -35.80 17.51 -8.36
CA THR A 77 -34.80 18.14 -9.23
C THR A 77 -34.25 19.41 -8.61
N ILE A 78 -32.98 19.68 -8.88
CA ILE A 78 -32.30 20.85 -8.36
C ILE A 78 -32.11 21.87 -9.48
N PHE A 79 -32.62 21.53 -10.67
CA PHE A 79 -32.43 22.38 -11.84
C PHE A 79 -33.72 23.05 -12.30
N SER A 80 -34.70 23.02 -11.42
CA SER A 80 -36.03 23.61 -11.75
C SER A 80 -36.91 23.76 -10.51
N ASN A 81 -37.81 24.73 -10.59
CA ASN A 81 -38.77 25.01 -9.52
C ASN A 81 -40.10 24.34 -9.84
N GLU A 82 -40.13 23.71 -11.00
CA GLU A 82 -41.34 23.03 -11.50
C GLU A 82 -41.62 21.78 -10.69
N SER A 83 -42.89 21.55 -10.38
CA SER A 83 -43.32 20.32 -9.70
C SER A 83 -43.51 19.22 -10.72
N ILE A 84 -42.96 18.05 -10.43
CA ILE A 84 -43.07 16.93 -11.35
C ILE A 84 -43.54 15.67 -10.67
N VAL A 85 -44.59 15.09 -11.22
CA VAL A 85 -45.16 13.84 -10.73
C VAL A 85 -45.36 12.89 -11.90
N LEU A 86 -44.73 11.72 -11.80
CA LEU A 86 -44.82 10.68 -12.81
C LEU A 86 -45.95 9.79 -12.44
N THR A 87 -46.93 9.76 -13.32
CA THR A 87 -48.12 8.99 -13.09
C THR A 87 -48.17 7.78 -13.96
N GLU A 88 -49.04 6.90 -13.57
CA GLU A 88 -49.25 5.61 -14.22
C GLU A 88 -49.77 5.87 -15.61
N GLU A 89 -50.56 6.92 -15.71
CA GLU A 89 -51.19 7.30 -16.97
C GLU A 89 -50.14 7.62 -18.01
N ILE A 91 -46.90 6.58 -17.91
CA ILE A 91 -46.14 5.31 -18.15
C ILE A 91 -46.92 4.41 -19.09
N GLU A 92 -48.22 4.44 -18.91
CA GLU A 92 -49.10 3.58 -19.68
C GLU A 92 -49.06 3.91 -21.16
N LYS A 93 -48.75 5.16 -21.49
CA LYS A 93 -48.73 5.57 -22.90
C LYS A 93 -47.38 5.37 -23.58
N THR A 94 -46.43 4.78 -22.86
CA THR A 94 -45.13 4.50 -23.50
C THR A 94 -45.27 3.18 -24.29
N PRO A 95 -44.36 2.92 -25.23
CA PRO A 95 -44.46 1.60 -25.83
C PRO A 95 -44.21 0.51 -24.80
N ASN A 96 -44.61 -0.69 -25.17
CA ASN A 96 -44.51 -1.86 -24.28
C ASN A 96 -43.10 -2.16 -23.85
N HIS A 97 -42.16 -1.82 -24.71
CA HIS A 97 -40.73 -2.14 -24.47
C HIS A 97 -39.99 -1.10 -23.62
N CYS A 98 -40.72 -0.05 -23.25
CA CYS A 98 -40.12 1.07 -22.52
C CYS A 98 -39.64 0.64 -21.15
N VAL A 99 -38.39 0.99 -20.86
CA VAL A 99 -37.78 0.66 -19.60
C VAL A 99 -37.59 1.86 -18.71
N VAL A 100 -37.92 1.68 -17.43
CA VAL A 100 -37.75 2.72 -16.45
C VAL A 100 -36.52 2.34 -15.66
N TYR A 101 -35.58 3.30 -15.57
CA TYR A 101 -34.35 3.17 -14.82
C TYR A 101 -34.33 4.10 -13.60
N SER A 102 -33.95 3.52 -12.48
CA SER A 102 -33.78 4.24 -11.20
C SER A 102 -32.56 3.69 -10.45
N GLY A 103 -32.32 4.20 -9.26
CA GLY A 103 -31.25 3.64 -8.43
C GLY A 103 -31.96 2.58 -7.60
N ILE A 104 -32.95 3.08 -6.88
CA ILE A 104 -33.82 2.25 -6.03
C ILE A 104 -35.26 2.52 -6.37
N SER A 105 -36.15 1.73 -5.79
CA SER A 105 -37.57 1.91 -6.05
C SER A 105 -38.34 2.07 -4.75
N ASN A 106 -39.66 2.16 -4.88
CA ASN A 106 -40.54 2.22 -3.72
C ASN A 106 -41.88 1.61 -4.05
N THR A 107 -42.83 1.84 -3.17
CA THR A 107 -44.14 1.19 -3.27
C THR A 107 -44.89 1.75 -4.43
N TYR A 108 -44.83 3.05 -4.55
CA TYR A 108 -45.54 3.75 -5.63
C TYR A 108 -45.07 3.27 -7.00
N LEU A 109 -43.75 3.32 -7.15
CA LEU A 109 -43.07 2.99 -8.42
C LEU A 109 -43.25 1.51 -8.72
N ASN A 110 -43.05 0.69 -7.70
CA ASN A 110 -43.17 -0.76 -7.88
C ASN A 110 -44.57 -1.12 -8.38
N GLN A 111 -45.54 -0.39 -7.86
CA GLN A 111 -46.95 -0.61 -8.21
C GLN A 111 -47.27 -0.05 -9.61
N CYS A 112 -46.67 1.08 -9.98
CA CYS A 112 -46.89 1.60 -11.34
C CYS A 112 -46.41 0.58 -12.37
N LYS A 114 -46.00 -2.64 -11.94
CA LYS A 114 -46.77 -3.87 -11.89
C LYS A 114 -48.01 -3.71 -12.73
N LYS A 115 -48.66 -2.58 -12.51
CA LYS A 115 -49.93 -2.29 -13.16
C LYS A 115 -49.80 -1.99 -14.65
N THR A 116 -48.71 -1.36 -15.04
CA THR A 116 -48.52 -1.00 -16.45
C THR A 116 -47.79 -2.08 -17.21
N ASN A 117 -47.18 -2.98 -16.47
CA ASN A 117 -46.42 -4.10 -17.01
C ASN A 117 -45.16 -3.67 -17.77
N ARG A 118 -44.51 -2.67 -17.22
CA ARG A 118 -43.27 -2.16 -17.77
C ARG A 118 -42.14 -2.63 -16.88
N THR A 119 -40.97 -2.69 -17.47
CA THR A 119 -39.81 -3.16 -16.74
C THR A 119 -39.14 -2.02 -16.00
N LEU A 120 -38.78 -2.34 -14.77
CA LEU A 120 -38.06 -1.43 -13.91
C LEU A 120 -36.67 -1.99 -13.65
N VAL A 121 -35.66 -1.14 -13.80
CA VAL A 121 -34.28 -1.51 -13.52
C VAL A 121 -33.77 -0.63 -12.39
N LYS A 122 -33.36 -1.30 -11.32
CA LYS A 122 -32.84 -0.66 -10.13
C LYS A 122 -31.35 -0.82 -10.14
N LEU A 123 -30.69 0.23 -10.58
CA LEU A 123 -29.25 0.19 -10.80
C LEU A 123 -28.37 -0.05 -9.55
N GLU A 125 -28.89 -2.10 -7.32
CA GLU A 125 -28.84 -3.54 -7.06
C GLU A 125 -27.72 -4.26 -7.79
N ARG A 126 -27.08 -3.60 -8.75
CA ARG A 126 -26.03 -4.26 -9.53
C ARG A 126 -24.74 -4.32 -8.71
N ASP A 127 -24.01 -5.43 -8.80
CA ASP A 127 -22.75 -5.57 -8.06
C ASP A 127 -21.71 -4.60 -8.60
N ASP A 128 -21.69 -4.40 -9.91
CA ASP A 128 -20.64 -3.55 -10.49
C ASP A 128 -20.83 -2.12 -10.05
N ILE A 129 -22.10 -1.66 -10.11
CA ILE A 129 -22.42 -0.29 -9.69
C ILE A 129 -22.07 -0.16 -8.20
N ALA A 130 -22.49 -1.13 -7.42
CA ALA A 130 -22.24 -1.13 -5.95
C ALA A 130 -20.73 -0.98 -5.63
N ILE A 131 -19.90 -1.72 -6.37
CA ILE A 131 -18.45 -1.71 -6.14
C ILE A 131 -17.83 -0.40 -6.59
N TYR A 132 -18.28 0.12 -7.73
CA TYR A 132 -17.76 1.42 -8.16
C TYR A 132 -18.14 2.50 -7.17
N ASN A 133 -19.38 2.44 -6.71
CA ASN A 133 -19.87 3.48 -5.77
C ASN A 133 -19.20 3.40 -4.42
N SER A 134 -18.61 2.26 -4.13
CA SER A 134 -17.97 2.04 -2.83
C SER A 134 -16.75 2.95 -2.71
N ILE A 135 -16.23 3.30 -3.86
CA ILE A 135 -15.04 4.15 -3.92
C ILE A 135 -15.33 5.57 -3.35
N PRO A 136 -16.30 6.32 -3.96
CA PRO A 136 -16.59 7.63 -3.43
C PRO A 136 -17.17 7.51 -2.01
N THR A 137 -17.77 6.38 -1.73
CA THR A 137 -18.29 6.15 -0.37
C THR A 137 -17.15 6.11 0.66
N ALA A 138 -16.12 5.38 0.32
CA ALA A 138 -14.95 5.22 1.19
C ALA A 138 -14.30 6.60 1.37
N GLU A 139 -14.24 7.37 0.30
CA GLU A 139 -13.67 8.75 0.37
C GLU A 139 -14.46 9.63 1.31
N GLY A 140 -15.77 9.56 1.20
CA GLY A 140 -16.64 10.37 2.05
C GLY A 140 -16.46 9.95 3.50
N THR A 141 -16.31 8.66 3.68
CA THR A 141 -16.19 8.09 5.03
C THR A 141 -14.88 8.60 5.69
N ILE A 142 -13.82 8.53 4.92
CA ILE A 142 -12.46 8.99 5.36
C ILE A 142 -12.49 10.47 5.63
N ALA A 145 -14.38 10.94 8.88
CA ALA A 145 -13.65 10.44 10.06
C ALA A 145 -12.55 11.44 10.44
N ILE A 146 -11.91 12.00 9.44
CA ILE A 146 -10.81 12.95 9.63
C ILE A 146 -11.38 14.24 10.17
N GLN A 147 -12.43 14.69 9.55
CA GLN A 147 -13.08 15.91 9.95
C GLN A 147 -13.62 15.94 11.42
N HIS A 148 -14.25 14.86 11.86
CA HIS A 148 -14.91 14.78 13.17
C HIS A 148 -14.05 14.38 14.35
N THR A 149 -12.86 13.85 14.09
CA THR A 149 -11.95 13.40 15.18
C THR A 149 -10.90 14.49 15.56
N ASP A 150 -10.48 14.53 16.83
CA ASP A 150 -9.43 15.51 17.22
C ASP A 150 -8.08 14.87 17.23
N PHE A 151 -8.08 13.65 16.75
CA PHE A 151 -6.88 12.84 16.67
C PHE A 151 -6.62 12.36 15.26
N THR A 152 -5.38 11.97 14.97
CA THR A 152 -5.05 11.43 13.65
C THR A 152 -5.70 10.05 13.49
N ILE A 153 -6.16 9.77 12.26
CA ILE A 153 -6.69 8.43 11.87
C ILE A 153 -5.48 7.51 11.80
N HIS A 154 -4.37 8.11 11.42
CA HIS A 154 -3.09 7.38 11.46
C HIS A 154 -2.86 6.93 12.91
N GLY A 155 -2.76 5.62 13.11
CA GLY A 155 -2.52 5.03 14.44
C GLY A 155 -3.75 4.85 15.31
N ALA A 156 -4.91 5.26 14.79
CA ALA A 156 -6.18 5.05 15.48
C ALA A 156 -6.65 3.64 15.27
N ASN A 157 -7.50 3.22 16.21
CA ASN A 157 -8.20 1.94 16.15
C ASN A 157 -9.52 2.11 15.39
N VAL A 158 -9.60 1.52 14.21
CA VAL A 158 -10.77 1.59 13.37
C VAL A 158 -11.30 0.20 13.08
N ALA A 159 -12.60 0.03 13.28
CA ALA A 159 -13.30 -1.21 12.92
C ALA A 159 -14.24 -0.93 11.79
N VAL A 160 -14.25 -1.88 10.87
CA VAL A 160 -15.24 -1.89 9.80
C VAL A 160 -16.02 -3.14 10.02
N LEU A 161 -17.33 -3.01 10.00
CA LEU A 161 -18.18 -4.16 10.14
C LEU A 161 -18.69 -4.51 8.75
N GLY A 162 -18.40 -5.73 8.37
CA GLY A 162 -18.78 -6.28 7.05
C GLY A 162 -17.69 -6.13 6.02
N LEU A 163 -17.44 -7.20 5.26
CA LEU A 163 -16.45 -7.20 4.19
C LEU A 163 -17.16 -7.51 2.88
N GLY A 164 -18.29 -6.83 2.68
CA GLY A 164 -19.05 -6.98 1.46
C GLY A 164 -18.55 -6.03 0.40
N ARG A 165 -19.47 -5.61 -0.45
CA ARG A 165 -19.18 -4.72 -1.57
C ARG A 165 -18.65 -3.37 -1.11
N VAL A 166 -19.27 -2.81 -0.07
CA VAL A 166 -18.83 -1.52 0.42
C VAL A 166 -17.65 -1.69 1.41
N GLY A 167 -17.77 -2.68 2.28
CA GLY A 167 -16.81 -2.89 3.37
C GLY A 167 -15.37 -3.13 2.96
N SER A 169 -13.84 -1.96 0.37
CA SER A 169 -13.24 -0.72 -0.15
C SER A 169 -13.00 0.23 0.98
N VAL A 170 -13.94 0.27 1.93
CA VAL A 170 -13.80 1.16 3.10
C VAL A 170 -12.61 0.76 3.98
N ALA A 171 -12.54 -0.53 4.30
CA ALA A 171 -11.41 -1.07 5.10
C ALA A 171 -10.03 -0.80 4.46
N ARG A 172 -9.97 -0.97 3.16
CA ARG A 172 -8.73 -0.85 2.43
C ARG A 172 -8.23 0.57 2.50
N LYS A 173 -9.13 1.51 2.32
CA LYS A 173 -8.70 2.90 2.43
C LYS A 173 -8.30 3.31 3.88
N PHE A 174 -8.98 2.87 4.93
CA PHE A 174 -8.49 3.25 6.26
C PHE A 174 -7.12 2.61 6.53
N ALA A 175 -6.90 1.43 5.99
CA ALA A 175 -5.62 0.74 6.23
C ALA A 175 -4.51 1.53 5.50
N ALA A 176 -4.83 2.02 4.30
CA ALA A 176 -3.85 2.84 3.51
C ALA A 176 -3.47 4.09 4.27
N LEU A 177 -4.38 4.56 5.11
CA LEU A 177 -4.19 5.78 5.90
C LEU A 177 -3.44 5.56 7.24
N GLY A 178 -3.10 4.31 7.50
CA GLY A 178 -2.29 4.02 8.65
C GLY A 178 -3.07 3.75 9.90
N ALA A 179 -4.39 3.62 9.77
CA ALA A 179 -5.17 3.21 10.92
C ALA A 179 -4.82 1.76 11.18
N LYS A 180 -5.06 1.35 12.43
CA LYS A 180 -4.98 -0.06 12.81
C LYS A 180 -6.39 -0.58 12.61
N VAL A 181 -6.58 -1.34 11.54
CA VAL A 181 -7.91 -1.76 11.12
C VAL A 181 -8.27 -3.19 11.44
N LYS A 182 -9.42 -3.35 12.11
CA LYS A 182 -10.00 -4.63 12.38
C LYS A 182 -11.35 -4.69 11.66
N VAL A 183 -11.65 -5.87 11.13
CA VAL A 183 -12.88 -6.03 10.34
C VAL A 183 -13.66 -7.22 10.83
N GLY A 184 -14.94 -6.97 11.06
CA GLY A 184 -15.86 -8.00 11.56
C GLY A 184 -16.71 -8.58 10.47
N ALA A 185 -16.78 -9.91 10.47
CA ALA A 185 -17.56 -10.65 9.46
C ALA A 185 -17.99 -11.96 10.01
N ARG A 186 -18.97 -12.62 9.37
CA ARG A 186 -19.40 -13.93 9.90
C ARG A 186 -18.75 -15.11 9.20
N GLU A 187 -18.65 -14.99 7.88
CA GLU A 187 -18.19 -16.09 7.05
C GLU A 187 -16.67 -16.34 7.08
N SER A 188 -16.27 -17.60 7.20
CA SER A 188 -14.85 -17.91 7.40
C SER A 188 -13.97 -17.51 6.21
N ASP A 189 -14.58 -17.39 5.06
CA ASP A 189 -13.86 -17.06 3.85
C ASP A 189 -13.55 -15.59 3.88
N LEU A 190 -14.50 -14.79 4.36
CA LEU A 190 -14.25 -13.35 4.47
C LEU A 190 -13.27 -13.08 5.59
N LEU A 191 -13.30 -13.90 6.63
CA LEU A 191 -12.34 -13.73 7.71
C LEU A 191 -10.95 -14.01 7.17
N ALA A 192 -10.88 -14.99 6.27
CA ALA A 192 -9.63 -15.35 5.61
C ALA A 192 -9.09 -14.17 4.77
N ARG A 193 -10.00 -13.54 4.03
CA ARG A 193 -9.67 -12.44 3.11
C ARG A 193 -9.14 -11.27 3.89
N ILE A 194 -9.79 -10.99 5.03
CA ILE A 194 -9.39 -9.90 5.93
C ILE A 194 -7.93 -10.11 6.36
N ALA A 195 -7.58 -11.35 6.67
CA ALA A 195 -6.23 -11.66 7.10
C ALA A 195 -5.27 -11.42 5.90
N GLU A 196 -5.66 -11.95 4.75
CA GLU A 196 -4.88 -11.78 3.52
C GLU A 196 -4.64 -10.30 3.21
N GLY A 198 -4.03 -8.06 5.32
CA GLY A 198 -3.16 -7.46 6.32
C GLY A 198 -3.91 -6.79 7.46
N GLU A 200 -6.83 -7.13 10.86
CA GLU A 200 -7.21 -8.05 11.97
C GLU A 200 -8.64 -8.51 11.85
N PRO A 201 -8.84 -9.79 11.59
CA PRO A 201 -10.24 -10.18 11.52
C PRO A 201 -10.84 -10.51 12.86
N PHE A 202 -12.14 -10.38 12.96
CA PHE A 202 -12.88 -10.89 14.12
C PHE A 202 -14.29 -11.34 13.70
N HIS A 203 -14.78 -12.39 14.34
CA HIS A 203 -16.10 -12.92 14.05
C HIS A 203 -17.13 -11.92 14.58
N ILE A 204 -18.06 -11.57 13.70
CA ILE A 204 -19.03 -10.51 13.97
C ILE A 204 -19.76 -10.69 15.31
N SER A 205 -19.84 -11.93 15.75
CA SER A 205 -20.59 -12.27 16.96
C SER A 205 -19.88 -11.76 18.21
N LYS A 206 -18.64 -11.34 18.04
CA LYS A 206 -17.79 -10.86 19.15
C LYS A 206 -17.62 -9.36 19.16
N ALA A 207 -18.47 -8.68 18.41
CA ALA A 207 -18.40 -7.22 18.30
C ALA A 207 -18.28 -6.53 19.66
N ALA A 208 -19.18 -6.88 20.58
CA ALA A 208 -19.24 -6.20 21.90
C ALA A 208 -17.86 -6.14 22.53
N GLN A 209 -17.25 -7.32 22.55
CA GLN A 209 -15.89 -7.55 23.05
C GLN A 209 -14.80 -6.85 22.24
N GLU A 210 -14.86 -6.94 20.93
CA GLU A 210 -13.78 -6.43 20.07
C GLU A 210 -13.80 -4.92 19.87
N LEU A 211 -14.93 -4.28 20.15
CA LEU A 211 -15.03 -2.83 19.92
C LEU A 211 -14.84 -2.00 21.19
N ARG A 212 -14.30 -2.63 22.22
CA ARG A 212 -14.08 -1.96 23.50
C ARG A 212 -13.06 -0.87 23.45
N ASP A 213 -12.20 -0.91 22.45
CA ASP A 213 -11.12 0.10 22.36
C ASP A 213 -11.07 0.78 20.99
N VAL A 214 -12.19 0.78 20.30
CA VAL A 214 -12.31 1.36 18.93
C VAL A 214 -12.63 2.86 18.94
N ASP A 215 -11.85 3.58 18.14
CA ASP A 215 -11.94 5.03 18.01
C ASP A 215 -13.00 5.48 17.03
N VAL A 216 -13.03 4.77 15.91
CA VAL A 216 -14.01 4.97 14.81
C VAL A 216 -14.54 3.61 14.36
N CYS A 217 -15.87 3.50 14.34
CA CYS A 217 -16.54 2.29 13.93
C CYS A 217 -17.42 2.55 12.74
N ILE A 218 -17.15 1.83 11.65
CA ILE A 218 -17.91 2.04 10.40
C ILE A 218 -18.75 0.81 10.12
N ASN A 219 -20.08 0.96 10.13
CA ASN A 219 -20.91 -0.18 9.79
C ASN A 219 -21.27 -0.21 8.32
N THR A 220 -21.24 -1.41 7.77
CA THR A 220 -21.72 -1.63 6.39
C THR A 220 -22.72 -2.80 6.32
N ILE A 221 -23.00 -3.42 7.46
CA ILE A 221 -23.89 -4.57 7.53
C ILE A 221 -25.34 -4.10 7.65
N PRO A 222 -26.19 -4.59 6.74
CA PRO A 222 -27.55 -4.11 6.76
C PRO A 222 -28.38 -4.92 7.70
N ALA A 223 -27.93 -4.92 8.94
CA ALA A 223 -28.60 -5.60 10.02
C ALA A 223 -28.21 -4.97 11.34
N LEU A 224 -29.03 -5.12 12.36
CA LEU A 224 -28.72 -4.54 13.69
C LEU A 224 -27.59 -5.26 14.38
N VAL A 225 -26.39 -4.71 14.19
CA VAL A 225 -25.15 -5.24 14.75
C VAL A 225 -24.49 -4.32 15.78
N VAL A 226 -24.72 -3.00 15.66
CA VAL A 226 -24.23 -2.04 16.67
C VAL A 226 -25.38 -1.82 17.64
N THR A 227 -25.54 -2.87 18.45
CA THR A 227 -26.60 -3.00 19.38
C THR A 227 -26.30 -2.26 20.65
N ALA A 228 -27.29 -2.25 21.52
CA ALA A 228 -27.18 -1.61 22.84
C ALA A 228 -25.98 -2.20 23.59
N ASN A 229 -25.86 -3.53 23.48
CA ASN A 229 -24.80 -4.24 24.20
C ASN A 229 -23.45 -3.82 23.69
N VAL A 230 -23.34 -3.68 22.39
CA VAL A 230 -22.07 -3.28 21.77
C VAL A 230 -21.69 -1.84 22.15
N LEU A 231 -22.65 -0.94 22.06
CA LEU A 231 -22.44 0.48 22.36
C LEU A 231 -22.12 0.69 23.83
N ALA A 232 -22.68 -0.16 24.68
CA ALA A 232 -22.48 -0.03 26.11
C ALA A 232 -21.05 -0.33 26.50
N GLU A 233 -20.35 -1.08 25.66
CA GLU A 233 -18.97 -1.49 25.92
C GLU A 233 -17.91 -0.61 25.23
N PRO A 235 -15.82 2.83 23.92
CA PRO A 235 -15.31 4.09 24.50
C PRO A 235 -16.31 5.21 24.31
N SER A 236 -16.35 6.11 25.26
CA SER A 236 -17.32 7.19 25.21
C SER A 236 -17.15 8.10 24.02
N HIS A 237 -15.95 8.09 23.47
CA HIS A 237 -15.57 9.03 22.41
C HIS A 237 -15.74 8.50 21.02
N THR A 238 -16.04 7.23 20.93
CA THR A 238 -16.16 6.57 19.63
C THR A 238 -17.15 7.26 18.71
N PHE A 239 -16.76 7.30 17.46
CA PHE A 239 -17.56 7.82 16.35
C PHE A 239 -18.05 6.69 15.47
N VAL A 240 -19.37 6.53 15.39
CA VAL A 240 -20.01 5.47 14.59
C VAL A 240 -20.58 6.07 13.30
N ILE A 241 -20.05 5.61 12.17
CA ILE A 241 -20.52 6.02 10.85
C ILE A 241 -21.23 4.81 10.27
N ASP A 242 -22.53 4.92 10.02
CA ASP A 242 -23.31 3.78 9.55
C ASP A 242 -23.69 4.03 8.08
N LEU A 243 -23.13 3.19 7.23
CA LEU A 243 -23.26 3.30 5.81
C LEU A 243 -24.30 2.31 5.29
N ALA A 244 -24.87 1.52 6.19
CA ALA A 244 -25.85 0.49 5.77
C ALA A 244 -27.13 1.22 5.35
N SER A 245 -27.83 0.64 4.41
CA SER A 245 -29.08 1.22 3.92
C SER A 245 -30.08 1.33 5.06
N LYS A 246 -30.84 2.44 5.04
CA LYS A 246 -31.84 2.74 6.09
C LYS A 246 -32.55 1.46 6.50
N PRO A 247 -32.80 1.27 7.80
CA PRO A 247 -32.51 2.16 8.89
C PRO A 247 -31.10 2.00 9.42
N GLY A 248 -30.26 1.37 8.62
CA GLY A 248 -28.85 1.12 9.00
C GLY A 248 -28.73 -0.11 9.87
N GLY A 249 -27.69 -0.14 10.70
CA GLY A 249 -27.43 -1.32 11.55
C GLY A 249 -27.02 -1.01 12.97
N THR A 250 -27.43 0.18 13.41
CA THR A 250 -27.16 0.70 14.74
C THR A 250 -28.39 1.08 15.51
N ASP A 251 -28.32 0.84 16.81
CA ASP A 251 -29.36 1.26 17.77
C ASP A 251 -29.05 2.72 18.09
N PHE A 252 -29.46 3.61 17.19
CA PHE A 252 -29.17 5.05 17.34
C PHE A 252 -29.82 5.66 18.58
N ARG A 253 -30.94 5.07 19.00
CA ARG A 253 -31.60 5.59 20.17
C ARG A 253 -30.84 5.24 21.44
N TYR A 254 -30.20 4.07 21.48
CA TYR A 254 -29.38 3.76 22.64
C TYR A 254 -28.07 4.55 22.54
N ALA A 255 -27.58 4.72 21.32
CA ALA A 255 -26.32 5.42 21.13
C ALA A 255 -26.43 6.85 21.71
N GLU A 256 -27.58 7.45 21.47
CA GLU A 256 -27.80 8.86 21.83
C GLU A 256 -27.88 9.03 23.32
N LYS A 257 -28.56 8.09 23.94
CA LYS A 257 -28.73 8.15 25.37
C LYS A 257 -27.44 7.83 26.09
N ARG A 258 -26.61 7.04 25.44
CA ARG A 258 -25.35 6.60 26.00
CA ARG A 258 -25.34 6.60 26.01
C ARG A 258 -24.31 7.70 25.76
N GLY A 259 -24.66 8.59 24.85
CA GLY A 259 -23.80 9.73 24.53
C GLY A 259 -22.76 9.43 23.48
N ILE A 260 -23.03 8.40 22.70
CA ILE A 260 -22.14 8.00 21.62
CA ILE A 260 -22.14 8.00 21.62
C ILE A 260 -22.57 8.61 20.30
N LYS A 261 -21.62 9.29 19.66
CA LYS A 261 -21.83 9.93 18.35
C LYS A 261 -21.99 8.90 17.26
N ALA A 262 -23.19 8.86 16.69
CA ALA A 262 -23.52 7.87 15.69
C ALA A 262 -24.37 8.51 14.62
N LEU A 263 -23.92 8.35 13.38
CA LEU A 263 -24.62 8.92 12.21
C LEU A 263 -24.95 7.92 11.14
N LEU A 264 -26.16 8.05 10.62
CA LEU A 264 -26.63 7.28 9.48
C LEU A 264 -26.33 8.16 8.27
N VAL A 265 -25.44 7.69 7.43
CA VAL A 265 -24.91 8.50 6.33
C VAL A 265 -25.16 7.89 4.97
N PRO A 266 -26.34 8.17 4.42
CA PRO A 266 -26.53 7.71 3.06
C PRO A 266 -26.04 8.74 2.05
N GLY A 267 -25.99 8.30 0.81
CA GLY A 267 -25.71 9.20 -0.31
C GLY A 267 -24.34 9.81 -0.48
N LEU A 268 -23.32 9.18 0.08
CA LEU A 268 -21.95 9.73 -0.03
C LEU A 268 -21.49 9.96 -1.48
N PRO A 269 -21.74 9.02 -2.39
CA PRO A 269 -21.24 9.25 -3.74
C PRO A 269 -21.75 10.54 -4.35
N GLY A 270 -23.03 10.82 -4.16
CA GLY A 270 -23.65 12.01 -4.69
C GLY A 270 -23.16 13.26 -4.00
N ILE A 271 -22.73 13.08 -2.76
CA ILE A 271 -22.28 14.22 -1.94
C ILE A 271 -20.83 14.54 -2.21
N VAL A 272 -19.96 13.54 -2.21
CA VAL A 272 -18.54 13.86 -2.37
C VAL A 272 -18.00 13.74 -3.80
N ALA A 273 -18.72 13.08 -4.70
CA ALA A 273 -18.19 12.91 -6.06
C ALA A 273 -19.28 12.65 -7.09
N PRO A 274 -20.19 13.61 -7.22
CA PRO A 274 -21.33 13.37 -8.10
C PRO A 274 -20.96 13.22 -9.58
N LYS A 275 -19.79 13.69 -9.96
CA LYS A 275 -19.36 13.59 -11.36
C LYS A 275 -18.95 12.14 -11.63
N THR A 276 -18.22 11.57 -10.68
CA THR A 276 -17.77 10.16 -10.77
C THR A 276 -18.99 9.27 -10.63
N ALA A 277 -19.90 9.62 -9.72
CA ALA A 277 -21.13 8.84 -9.50
C ALA A 277 -21.98 8.87 -10.79
N GLY A 278 -21.99 10.02 -11.44
CA GLY A 278 -22.74 10.21 -12.69
C GLY A 278 -22.10 9.44 -13.84
N ARG A 279 -20.78 9.46 -13.90
CA ARG A 279 -20.05 8.73 -14.92
C ARG A 279 -20.27 7.22 -14.77
N ILE A 280 -20.29 6.76 -13.55
CA ILE A 280 -20.52 5.32 -13.26
C ILE A 280 -21.87 4.92 -13.81
N LEU A 281 -22.86 5.78 -13.54
CA LEU A 281 -24.24 5.47 -14.02
C LEU A 281 -24.31 5.52 -15.54
N ALA A 282 -23.62 6.51 -16.11
CA ALA A 282 -23.69 6.78 -17.56
C ALA A 282 -23.13 5.62 -18.34
N ASP A 283 -22.01 5.10 -17.82
CA ASP A 283 -21.28 4.00 -18.48
C ASP A 283 -22.14 2.70 -18.56
N VAL A 284 -22.89 2.41 -17.52
CA VAL A 284 -23.73 1.21 -17.51
C VAL A 284 -24.97 1.48 -18.37
N LEU A 285 -25.52 2.67 -18.21
CA LEU A 285 -26.70 3.06 -18.94
C LEU A 285 -26.48 2.99 -20.45
N VAL A 286 -25.32 3.40 -20.96
CA VAL A 286 -25.12 3.37 -22.42
CA VAL A 286 -25.15 3.36 -22.43
C VAL A 286 -25.14 1.92 -22.91
N LYS A 287 -24.60 1.03 -22.11
CA LYS A 287 -24.56 -0.38 -22.46
C LYS A 287 -25.96 -1.00 -22.41
N LEU A 288 -26.69 -0.72 -21.33
CA LEU A 288 -28.00 -1.28 -21.15
C LEU A 288 -28.97 -0.74 -22.20
N LEU A 289 -28.83 0.54 -22.51
CA LEU A 289 -29.72 1.19 -23.47
C LEU A 289 -29.52 0.73 -24.90
N ALA A 290 -28.37 0.13 -25.17
CA ALA A 290 -27.98 -0.30 -26.55
C ALA A 290 -28.34 -1.74 -26.79
N GLU A 291 -28.76 -2.44 -25.74
CA GLU A 291 -29.17 -3.85 -25.84
C GLU A 291 -30.56 -3.96 -26.47
N PRO A 292 -30.76 -4.94 -27.36
CA PRO A 292 -32.09 -5.14 -27.98
C PRO A 292 -33.23 -5.52 -27.01
N GLY B 1 -11.61 -27.00 23.03
CA GLY B 1 -12.09 -28.23 22.30
C GLY B 1 -10.98 -29.23 22.03
N LEU B 3 -9.10 -33.07 21.91
CA LEU B 3 -9.34 -34.25 21.11
C LEU B 3 -9.08 -35.49 21.89
N THR B 4 -9.11 -35.35 23.21
CA THR B 4 -8.88 -36.49 24.09
C THR B 4 -9.81 -37.63 23.70
N GLY B 5 -9.24 -38.83 23.58
CA GLY B 5 -10.00 -40.03 23.24
C GLY B 5 -10.12 -40.30 21.74
N LYS B 6 -9.92 -39.25 20.95
CA LYS B 6 -9.93 -39.35 19.48
C LYS B 6 -8.67 -40.02 19.02
N HIS B 7 -8.87 -41.01 18.16
CA HIS B 7 -7.76 -41.75 17.54
C HIS B 7 -7.70 -41.41 16.05
N VAL B 8 -6.59 -40.77 15.71
CA VAL B 8 -6.35 -40.34 14.37
C VAL B 8 -5.13 -41.05 13.82
N VAL B 9 -5.25 -41.49 12.57
CA VAL B 9 -4.15 -42.10 11.84
C VAL B 9 -3.64 -41.13 10.79
N ILE B 10 -2.35 -40.83 10.88
CA ILE B 10 -1.69 -39.90 9.95
C ILE B 10 -0.77 -40.70 9.07
N ILE B 11 -1.16 -40.76 7.80
CA ILE B 11 -0.45 -41.56 6.81
C ILE B 11 0.30 -40.71 5.87
N GLY B 12 1.63 -40.78 6.00
CA GLY B 12 2.50 -40.04 5.11
C GLY B 12 2.32 -38.53 5.07
N GLY B 13 2.95 -37.93 4.08
CA GLY B 13 2.90 -36.50 3.87
C GLY B 13 4.28 -35.90 3.75
N ASP B 14 4.35 -34.63 4.12
CA ASP B 14 5.59 -33.85 4.10
C ASP B 14 5.75 -32.96 5.31
N ALA B 15 6.59 -31.96 5.15
CA ALA B 15 6.96 -31.04 6.23
C ALA B 15 5.74 -30.42 6.87
N ARG B 16 4.70 -30.20 6.09
CA ARG B 16 3.48 -29.53 6.60
C ARG B 16 2.75 -30.43 7.60
N GLN B 17 2.94 -31.73 7.45
CA GLN B 17 2.35 -32.69 8.40
C GLN B 17 2.95 -32.53 9.79
N LEU B 18 4.16 -32.04 9.82
CA LEU B 18 4.83 -31.92 11.13
C LEU B 18 4.04 -30.96 12.01
N GLU B 19 3.42 -29.93 11.40
CA GLU B 19 2.62 -28.94 12.15
C GLU B 19 1.30 -29.54 12.60
N ILE B 20 0.77 -30.40 11.76
CA ILE B 20 -0.49 -31.13 12.04
C ILE B 20 -0.25 -32.05 13.21
N ILE B 21 0.85 -32.75 13.17
CA ILE B 21 1.16 -33.72 14.25
C ILE B 21 1.25 -32.99 15.58
N ARG B 22 1.96 -31.88 15.51
CA ARG B 22 2.26 -31.05 16.67
C ARG B 22 0.97 -30.51 17.29
N LYS B 23 0.16 -29.87 16.47
CA LYS B 23 -1.12 -29.30 16.93
C LYS B 23 -1.99 -30.44 17.50
N LEU B 24 -2.21 -31.49 16.74
CA LEU B 24 -3.06 -32.58 17.26
C LEU B 24 -2.51 -33.23 18.52
N SER B 25 -1.20 -33.18 18.68
CA SER B 25 -0.57 -33.84 19.84
C SER B 25 -0.94 -33.05 21.07
N THR B 26 -0.77 -31.75 20.92
CA THR B 26 -1.06 -30.75 21.95
C THR B 26 -2.52 -30.87 22.38
N PHE B 27 -3.36 -31.10 21.38
CA PHE B 27 -4.83 -31.20 21.61
C PHE B 27 -5.27 -32.50 22.18
N ASP B 28 -4.29 -33.32 22.51
CA ASP B 28 -4.47 -34.59 23.21
C ASP B 28 -5.08 -35.75 22.42
N ALA B 29 -4.93 -35.72 21.12
CA ALA B 29 -5.43 -36.78 20.27
C ALA B 29 -4.46 -37.92 20.35
N LYS B 30 -4.99 -39.13 20.29
CA LYS B 30 -4.14 -40.32 20.17
C LYS B 30 -3.79 -40.38 18.71
N ILE B 31 -2.52 -40.46 18.40
CA ILE B 31 -2.06 -40.45 17.02
C ILE B 31 -1.25 -41.65 16.60
N SER B 32 -1.71 -42.31 15.54
CA SER B 32 -0.95 -43.39 14.89
C SER B 32 -0.27 -42.76 13.67
N LEU B 33 1.06 -42.85 13.67
CA LEU B 33 1.86 -42.25 12.61
C LEU B 33 2.42 -43.33 11.72
N VAL B 34 2.04 -43.24 10.47
CA VAL B 34 2.45 -44.19 9.44
C VAL B 34 3.21 -43.43 8.37
N GLY B 35 4.42 -43.87 8.09
CA GLY B 35 5.25 -43.26 7.04
C GLY B 35 6.30 -42.27 7.52
N PHE B 36 6.57 -42.33 8.82
CA PHE B 36 7.49 -41.39 9.51
C PHE B 36 8.57 -42.09 10.35
N ASP B 37 9.10 -43.20 9.86
CA ASP B 37 10.09 -43.99 10.65
C ASP B 37 11.38 -43.25 10.98
N GLN B 38 11.68 -42.26 10.16
CA GLN B 38 12.92 -41.50 10.28
C GLN B 38 12.58 -40.06 10.63
N LEU B 39 11.98 -39.96 11.81
CA LEU B 39 11.54 -38.70 12.35
C LEU B 39 12.35 -38.25 13.57
N ASP B 40 12.18 -36.97 13.87
CA ASP B 40 12.85 -36.32 14.99
C ASP B 40 12.15 -36.69 16.28
N GLY B 42 10.35 -38.81 18.21
CA GLY B 42 9.24 -38.03 17.68
C GLY B 42 8.60 -37.05 18.64
N PHE B 43 7.32 -37.30 18.86
CA PHE B 43 6.45 -36.43 19.66
C PHE B 43 5.67 -37.21 20.70
N ILE B 44 5.06 -36.45 21.58
CA ILE B 44 4.22 -37.03 22.65
C ILE B 44 2.89 -37.54 22.09
N GLY B 45 2.45 -38.66 22.63
CA GLY B 45 1.15 -39.24 22.24
C GLY B 45 1.07 -39.75 20.81
N VAL B 46 2.21 -39.68 20.17
CA VAL B 46 2.40 -40.15 18.83
C VAL B 46 3.07 -41.51 18.88
N THR B 47 2.43 -42.48 18.25
CA THR B 47 2.98 -43.82 18.13
C THR B 47 3.21 -44.11 16.65
N LYS B 48 4.46 -44.40 16.35
CA LYS B 48 4.90 -44.73 15.01
C LYS B 48 4.64 -46.21 14.81
N ARG B 50 3.61 -49.37 11.40
CA ARG B 50 3.44 -49.87 10.03
C ARG B 50 1.95 -49.84 9.62
N ILE B 51 1.70 -49.60 8.35
CA ILE B 51 0.32 -49.53 7.84
C ILE B 51 -0.43 -50.81 8.19
N ASP B 52 0.32 -51.90 8.16
CA ASP B 52 -0.17 -53.25 8.45
C ASP B 52 -0.42 -53.44 9.94
N GLU B 53 -0.07 -52.42 10.73
CA GLU B 53 -0.20 -52.47 12.21
C GLU B 53 -1.33 -51.65 12.76
N VAL B 54 -1.90 -50.81 11.92
CA VAL B 54 -2.96 -49.91 12.37
C VAL B 54 -4.19 -50.66 12.87
N ASP B 55 -4.68 -50.21 14.01
CA ASP B 55 -5.91 -50.74 14.61
C ASP B 55 -7.08 -49.96 14.04
N TRP B 56 -7.46 -50.32 12.82
CA TRP B 56 -8.50 -49.58 12.06
C TRP B 56 -9.82 -49.48 12.79
N ASN B 57 -10.04 -50.51 13.60
CA ASN B 57 -11.28 -50.65 14.35
C ASN B 57 -11.54 -49.49 15.29
N THR B 58 -10.49 -48.78 15.64
CA THR B 58 -10.61 -47.69 16.60
C THR B 58 -10.24 -46.34 16.04
N VAL B 59 -10.08 -46.27 14.73
CA VAL B 59 -9.68 -45.02 14.09
C VAL B 59 -10.89 -44.15 13.84
N ASP B 60 -10.80 -42.91 14.31
CA ASP B 60 -11.90 -41.94 14.16
C ASP B 60 -11.71 -41.09 12.90
N ALA B 61 -10.46 -40.98 12.47
CA ALA B 61 -10.17 -40.17 11.29
C ALA B 61 -8.88 -40.59 10.66
N ILE B 62 -8.86 -40.59 9.32
CA ILE B 62 -7.64 -40.92 8.56
C ILE B 62 -7.21 -39.65 7.86
N LEU B 63 -5.99 -39.21 8.13
CA LEU B 63 -5.40 -38.00 7.56
C LEU B 63 -4.34 -38.34 6.49
N LEU B 64 -4.70 -38.00 5.25
CA LEU B 64 -3.85 -38.23 4.09
C LEU B 64 -3.13 -36.95 3.67
N PRO B 65 -2.02 -37.09 2.93
CA PRO B 65 -1.33 -35.91 2.46
C PRO B 65 -2.28 -35.10 1.60
N ILE B 66 -1.88 -33.87 1.33
CA ILE B 66 -2.64 -32.93 0.51
C ILE B 66 -3.01 -33.54 -0.86
N SER B 67 -2.12 -34.39 -1.31
CA SER B 67 -2.24 -34.99 -2.62
C SER B 67 -3.05 -36.26 -2.55
N GLY B 68 -3.44 -36.65 -1.34
CA GLY B 68 -4.20 -37.89 -1.16
C GLY B 68 -3.43 -39.17 -1.45
N THR B 69 -3.87 -39.87 -2.48
CA THR B 69 -3.23 -41.10 -2.95
C THR B 69 -3.00 -41.10 -4.46
N ASN B 70 -2.21 -42.06 -4.90
CA ASN B 70 -2.05 -42.30 -6.35
C ASN B 70 -3.24 -43.15 -6.70
N GLU B 71 -3.29 -43.58 -7.95
CA GLU B 71 -4.47 -44.31 -8.43
C GLU B 71 -4.47 -45.75 -7.97
N ALA B 72 -3.38 -46.11 -7.30
CA ALA B 72 -3.21 -47.45 -6.77
C ALA B 72 -3.47 -47.43 -5.27
N GLY B 73 -3.63 -46.22 -4.75
CA GLY B 73 -3.86 -46.05 -3.31
C GLY B 73 -2.56 -45.82 -2.59
N LYS B 74 -1.49 -45.65 -3.37
CA LYS B 74 -0.15 -45.41 -2.78
C LYS B 74 -0.10 -44.01 -2.20
N VAL B 75 0.47 -43.96 -1.00
CA VAL B 75 0.58 -42.69 -0.26
C VAL B 75 2.04 -42.21 -0.12
N ASP B 76 2.29 -40.98 -0.52
CA ASP B 76 3.64 -40.39 -0.38
C ASP B 76 4.09 -40.04 1.04
N THR B 77 5.39 -40.15 1.25
CA THR B 77 6.04 -39.75 2.51
C THR B 77 7.52 -39.47 2.31
N ILE B 78 8.02 -38.46 3.00
CA ILE B 78 9.43 -38.11 2.88
C ILE B 78 10.13 -38.52 4.16
N PHE B 79 9.44 -39.26 5.01
CA PHE B 79 9.99 -39.58 6.33
C PHE B 79 10.12 -41.08 6.53
N SER B 80 10.12 -41.79 5.40
CA SER B 80 10.26 -43.25 5.36
C SER B 80 10.47 -43.77 3.95
N ASN B 81 11.16 -44.91 3.88
CA ASN B 81 11.39 -45.66 2.62
C ASN B 81 10.74 -47.04 2.68
N GLU B 82 9.51 -46.98 3.20
CA GLU B 82 8.61 -48.12 3.26
C GLU B 82 7.42 -47.82 2.34
N SER B 83 6.93 -48.88 1.70
CA SER B 83 5.77 -48.78 0.78
C SER B 83 4.49 -48.65 1.57
N ILE B 84 3.61 -47.81 1.07
CA ILE B 84 2.32 -47.55 1.73
C ILE B 84 1.19 -47.34 0.75
N VAL B 85 0.26 -48.28 0.79
CA VAL B 85 -0.94 -48.24 -0.06
C VAL B 85 -2.19 -48.39 0.81
N LEU B 86 -3.09 -47.43 0.70
CA LEU B 86 -4.35 -47.43 1.46
C LEU B 86 -5.38 -48.14 0.59
N THR B 87 -5.92 -49.20 1.14
CA THR B 87 -6.85 -50.05 0.43
C THR B 87 -8.22 -50.04 1.05
N GLU B 88 -9.20 -50.33 0.20
CA GLU B 88 -10.60 -50.40 0.61
C GLU B 88 -10.74 -51.28 1.83
N GLU B 89 -10.00 -52.37 1.82
CA GLU B 89 -10.09 -53.34 2.91
C GLU B 89 -9.76 -52.72 4.26
N ILE B 91 -10.06 -49.46 4.96
CA ILE B 91 -11.09 -48.45 5.20
C ILE B 91 -12.38 -49.07 5.72
N GLU B 92 -12.71 -50.25 5.20
CA GLU B 92 -13.95 -50.92 5.60
C GLU B 92 -13.93 -51.40 7.05
N LYS B 93 -12.75 -51.61 7.63
CA LYS B 93 -12.70 -52.03 9.04
C LYS B 93 -12.62 -50.87 10.01
N THR B 94 -12.71 -49.64 9.48
CA THR B 94 -12.77 -48.47 10.35
C THR B 94 -14.21 -48.40 10.88
N PRO B 95 -14.44 -47.72 12.00
CA PRO B 95 -15.82 -47.61 12.45
C PRO B 95 -16.58 -46.72 11.51
N ASN B 96 -17.89 -46.88 11.54
CA ASN B 96 -18.79 -46.23 10.59
C ASN B 96 -18.66 -44.71 10.50
N HIS B 97 -18.38 -44.08 11.62
CA HIS B 97 -18.26 -42.58 11.69
C HIS B 97 -16.89 -42.08 11.23
N CYS B 98 -15.99 -43.00 10.94
CA CYS B 98 -14.61 -42.60 10.59
C CYS B 98 -14.61 -41.71 9.36
N VAL B 99 -13.92 -40.58 9.46
CA VAL B 99 -13.81 -39.62 8.36
C VAL B 99 -12.39 -39.57 7.79
N VAL B 100 -12.33 -39.52 6.47
CA VAL B 100 -11.04 -39.38 5.75
C VAL B 100 -10.88 -37.92 5.29
N TYR B 101 -9.70 -37.37 5.60
CA TYR B 101 -9.32 -36.02 5.25
C TYR B 101 -8.15 -36.05 4.26
N SER B 102 -8.23 -35.14 3.32
CA SER B 102 -7.20 -34.98 2.29
C SER B 102 -7.24 -33.55 1.81
N GLY B 103 -6.37 -33.21 0.87
CA GLY B 103 -6.41 -31.86 0.29
C GLY B 103 -7.39 -31.96 -0.88
N ILE B 104 -7.07 -32.88 -1.77
CA ILE B 104 -7.92 -33.17 -2.93
C ILE B 104 -8.11 -34.66 -3.00
N SER B 105 -9.01 -35.06 -3.87
CA SER B 105 -9.29 -36.47 -4.08
C SER B 105 -8.94 -36.86 -5.51
N ASN B 106 -9.11 -38.15 -5.77
CA ASN B 106 -8.94 -38.68 -7.09
C ASN B 106 -10.04 -39.71 -7.32
N THR B 107 -9.88 -40.48 -8.39
CA THR B 107 -10.92 -41.41 -8.79
C THR B 107 -10.88 -42.64 -7.90
N TYR B 108 -9.68 -43.07 -7.59
CA TYR B 108 -9.49 -44.24 -6.75
C TYR B 108 -10.13 -44.07 -5.37
N LEU B 109 -9.89 -42.87 -4.86
CA LEU B 109 -10.24 -42.53 -3.49
C LEU B 109 -11.75 -42.31 -3.42
N ASN B 110 -12.31 -41.66 -4.44
CA ASN B 110 -13.76 -41.40 -4.45
C ASN B 110 -14.56 -42.69 -4.49
N GLN B 111 -13.97 -43.69 -5.13
CA GLN B 111 -14.63 -44.98 -5.23
C GLN B 111 -14.56 -45.73 -3.91
N CYS B 112 -13.38 -45.67 -3.28
CA CYS B 112 -13.18 -46.30 -1.96
C CYS B 112 -14.19 -45.81 -0.99
N LYS B 114 -17.19 -44.17 -1.54
CA LYS B 114 -18.59 -44.48 -1.83
C LYS B 114 -18.83 -45.97 -1.61
N LYS B 115 -17.81 -46.77 -1.92
CA LYS B 115 -17.93 -48.22 -1.75
C LYS B 115 -18.01 -48.64 -0.29
N THR B 116 -17.33 -47.88 0.56
CA THR B 116 -17.22 -48.18 2.01
C THR B 116 -18.18 -47.33 2.84
N ASN B 117 -18.85 -46.38 2.18
CA ASN B 117 -19.84 -45.48 2.82
C ASN B 117 -19.14 -44.69 3.93
N ARG B 118 -18.04 -44.09 3.54
CA ARG B 118 -17.25 -43.20 4.44
C ARG B 118 -17.16 -41.86 3.79
N THR B 119 -17.08 -40.85 4.62
CA THR B 119 -16.96 -39.45 4.20
C THR B 119 -15.52 -39.05 3.98
N LEU B 120 -15.31 -38.39 2.86
CA LEU B 120 -14.03 -37.83 2.50
C LEU B 120 -14.19 -36.34 2.44
N VAL B 121 -13.36 -35.65 3.21
CA VAL B 121 -13.33 -34.19 3.28
C VAL B 121 -12.13 -33.71 2.49
N LYS B 122 -12.41 -32.87 1.52
CA LYS B 122 -11.41 -32.31 0.65
C LYS B 122 -11.14 -30.88 1.07
N LEU B 123 -10.12 -30.74 1.89
CA LEU B 123 -9.81 -29.46 2.50
C LEU B 123 -9.50 -28.35 1.48
N GLU B 125 -10.94 -27.67 -1.14
CA GLU B 125 -12.16 -27.14 -1.71
C GLU B 125 -12.74 -26.06 -0.83
N ARG B 126 -12.22 -25.90 0.39
CA ARG B 126 -12.75 -24.90 1.30
C ARG B 126 -12.27 -23.53 0.90
N ASP B 127 -13.16 -22.56 0.92
CA ASP B 127 -12.80 -21.21 0.48
C ASP B 127 -11.80 -20.62 1.42
N ASP B 128 -11.94 -20.94 2.70
CA ASP B 128 -11.07 -20.34 3.67
C ASP B 128 -9.64 -20.83 3.53
N ILE B 129 -9.49 -22.15 3.38
CA ILE B 129 -8.18 -22.76 3.26
C ILE B 129 -7.55 -22.26 1.95
N ALA B 130 -8.38 -22.16 0.91
CA ALA B 130 -7.92 -21.70 -0.43
C ALA B 130 -7.34 -20.31 -0.32
N ILE B 131 -8.05 -19.47 0.43
CA ILE B 131 -7.64 -18.07 0.59
C ILE B 131 -6.35 -17.93 1.41
N TYR B 132 -6.30 -18.67 2.52
CA TYR B 132 -5.11 -18.66 3.34
C TYR B 132 -3.93 -19.20 2.53
N ASN B 133 -4.18 -20.25 1.74
CA ASN B 133 -3.08 -20.86 0.95
C ASN B 133 -2.60 -19.99 -0.21
N SER B 134 -3.40 -18.97 -0.52
CA SER B 134 -3.09 -18.05 -1.68
C SER B 134 -1.95 -17.11 -1.31
N ILE B 135 -1.79 -16.99 -0.01
CA ILE B 135 -0.74 -16.16 0.60
C ILE B 135 0.67 -16.77 0.30
N PRO B 136 0.94 -18.02 0.74
CA PRO B 136 2.24 -18.58 0.35
C PRO B 136 2.40 -18.75 -1.14
N THR B 137 1.30 -19.03 -1.82
CA THR B 137 1.34 -19.19 -3.29
C THR B 137 1.79 -17.86 -3.91
N ALA B 138 1.24 -16.77 -3.41
CA ALA B 138 1.62 -15.42 -3.90
C ALA B 138 3.09 -15.19 -3.65
N GLU B 139 3.57 -15.57 -2.47
CA GLU B 139 4.97 -15.35 -2.10
C GLU B 139 5.87 -16.18 -3.02
N GLY B 140 5.44 -17.38 -3.27
CA GLY B 140 6.21 -18.27 -4.16
C GLY B 140 6.21 -17.72 -5.57
N THR B 141 5.12 -17.04 -5.93
CA THR B 141 4.98 -16.55 -7.30
C THR B 141 5.91 -15.34 -7.48
N ILE B 142 5.98 -14.51 -6.46
CA ILE B 142 6.88 -13.32 -6.46
C ILE B 142 8.34 -13.77 -6.51
N ALA B 145 9.18 -15.04 -9.88
CA ALA B 145 9.19 -13.96 -10.86
C ALA B 145 10.51 -13.14 -10.76
N ILE B 146 10.96 -12.94 -9.54
CA ILE B 146 12.16 -12.17 -9.28
C ILE B 146 13.38 -12.98 -9.72
N GLN B 147 13.38 -14.24 -9.34
CA GLN B 147 14.49 -15.11 -9.66
C GLN B 147 14.76 -15.34 -11.15
N HIS B 148 13.71 -15.48 -11.93
CA HIS B 148 13.81 -15.88 -13.34
C HIS B 148 13.86 -14.75 -14.35
N THR B 149 13.78 -13.53 -13.88
CA THR B 149 13.81 -12.37 -14.76
C THR B 149 15.12 -11.61 -14.63
N ASP B 150 15.57 -10.93 -15.69
CA ASP B 150 16.84 -10.16 -15.58
C ASP B 150 16.58 -8.69 -15.33
N PHE B 151 15.31 -8.40 -15.13
CA PHE B 151 14.80 -7.06 -14.85
C PHE B 151 14.05 -7.02 -13.53
N THR B 152 13.82 -5.80 -13.06
CA THR B 152 13.07 -5.62 -11.80
C THR B 152 11.56 -5.81 -12.05
N ILE B 153 10.89 -6.39 -11.07
CA ILE B 153 9.45 -6.55 -11.08
C ILE B 153 8.85 -5.16 -10.89
N HIS B 154 9.54 -4.37 -10.09
CA HIS B 154 9.19 -2.95 -9.91
C HIS B 154 9.28 -2.28 -11.26
N GLY B 155 8.16 -1.71 -11.65
CA GLY B 155 8.07 -1.02 -12.90
C GLY B 155 7.76 -1.89 -14.09
N ALA B 156 7.69 -3.20 -13.88
CA ALA B 156 7.35 -4.13 -14.97
C ALA B 156 5.85 -4.26 -15.21
N ASN B 157 5.53 -4.71 -16.41
CA ASN B 157 4.16 -5.02 -16.80
C ASN B 157 3.87 -6.46 -16.45
N VAL B 158 3.00 -6.61 -15.46
CA VAL B 158 2.58 -7.89 -14.97
C VAL B 158 1.09 -8.05 -15.14
N ALA B 159 0.70 -9.23 -15.63
CA ALA B 159 -0.70 -9.58 -15.76
C ALA B 159 -1.06 -10.81 -14.93
N VAL B 160 -2.22 -10.70 -14.31
CA VAL B 160 -2.79 -11.81 -13.59
C VAL B 160 -4.08 -12.12 -14.28
N LEU B 161 -4.23 -13.38 -14.63
CA LEU B 161 -5.46 -13.86 -15.25
C LEU B 161 -6.31 -14.54 -14.22
N GLY B 162 -7.48 -13.94 -14.01
CA GLY B 162 -8.43 -14.41 -13.03
C GLY B 162 -8.35 -13.65 -11.72
N LEU B 163 -9.52 -13.29 -11.18
CA LEU B 163 -9.56 -12.59 -9.91
C LEU B 163 -10.39 -13.41 -8.93
N GLY B 164 -10.03 -14.67 -8.82
CA GLY B 164 -10.67 -15.51 -7.83
C GLY B 164 -9.89 -15.51 -6.52
N ARG B 165 -10.01 -16.62 -5.82
CA ARG B 165 -9.41 -16.79 -4.50
C ARG B 165 -7.91 -16.52 -4.54
N VAL B 166 -7.25 -17.08 -5.54
CA VAL B 166 -5.78 -16.95 -5.64
C VAL B 166 -5.42 -15.64 -6.34
N GLY B 167 -6.11 -15.33 -7.42
CA GLY B 167 -5.77 -14.17 -8.21
C GLY B 167 -5.74 -12.88 -7.44
N SER B 169 -5.07 -12.31 -4.44
CA SER B 169 -3.91 -12.23 -3.51
C SER B 169 -2.62 -12.04 -4.26
N VAL B 170 -2.48 -12.76 -5.35
CA VAL B 170 -1.30 -12.64 -6.18
C VAL B 170 -1.20 -11.24 -6.79
N ALA B 171 -2.29 -10.76 -7.36
CA ALA B 171 -2.30 -9.43 -8.01
C ALA B 171 -1.94 -8.34 -7.01
N ARG B 172 -2.56 -8.41 -5.84
CA ARG B 172 -2.34 -7.41 -4.82
CA ARG B 172 -2.38 -7.37 -4.84
C ARG B 172 -0.90 -7.29 -4.44
N LYS B 173 -0.26 -8.44 -4.34
CA LYS B 173 1.16 -8.48 -3.94
C LYS B 173 2.08 -7.92 -5.01
N PHE B 174 1.83 -8.28 -6.26
CA PHE B 174 2.62 -7.70 -7.35
C PHE B 174 2.45 -6.20 -7.39
N ALA B 175 1.26 -5.70 -7.07
CA ALA B 175 0.99 -4.25 -7.14
C ALA B 175 1.74 -3.56 -6.01
N ALA B 176 1.66 -4.16 -4.84
CA ALA B 176 2.29 -3.61 -3.63
C ALA B 176 3.80 -3.52 -3.79
N LEU B 177 4.30 -4.29 -4.75
CA LEU B 177 5.74 -4.37 -5.04
C LEU B 177 6.19 -3.48 -6.21
N GLY B 178 5.27 -2.67 -6.71
CA GLY B 178 5.61 -1.70 -7.73
C GLY B 178 5.43 -2.14 -9.15
N ALA B 179 4.93 -3.35 -9.40
CA ALA B 179 4.66 -3.72 -10.79
C ALA B 179 3.48 -2.90 -11.25
N LYS B 180 3.36 -2.81 -12.57
CA LYS B 180 2.20 -2.22 -13.19
C LYS B 180 1.32 -3.40 -13.52
N VAL B 181 0.33 -3.59 -12.68
CA VAL B 181 -0.53 -4.77 -12.79
C VAL B 181 -1.84 -4.55 -13.51
N LYS B 182 -2.09 -5.47 -14.44
CA LYS B 182 -3.37 -5.58 -15.11
C LYS B 182 -3.94 -6.96 -14.80
N VAL B 183 -5.27 -7.02 -14.63
CA VAL B 183 -5.96 -8.26 -14.31
C VAL B 183 -7.09 -8.57 -15.27
N GLY B 184 -7.04 -9.79 -15.80
CA GLY B 184 -8.07 -10.31 -16.71
C GLY B 184 -9.18 -11.08 -16.03
N ALA B 185 -10.42 -10.72 -16.36
CA ALA B 185 -11.59 -11.42 -15.78
C ALA B 185 -12.76 -11.27 -16.71
N ARG B 186 -13.74 -12.15 -16.57
CA ARG B 186 -14.95 -12.07 -17.39
C ARG B 186 -16.09 -11.23 -16.77
N GLU B 187 -16.36 -11.42 -15.49
CA GLU B 187 -17.52 -10.76 -14.86
C GLU B 187 -17.33 -9.27 -14.53
N SER B 188 -18.35 -8.50 -14.82
CA SER B 188 -18.31 -7.05 -14.64
C SER B 188 -18.03 -6.62 -13.18
N ASP B 189 -18.44 -7.44 -12.20
CA ASP B 189 -18.22 -7.13 -10.77
C ASP B 189 -16.78 -7.29 -10.43
N LEU B 190 -16.18 -8.33 -10.99
CA LEU B 190 -14.75 -8.56 -10.76
C LEU B 190 -13.93 -7.47 -11.45
N LEU B 191 -14.38 -7.04 -12.63
CA LEU B 191 -13.68 -5.99 -13.35
C LEU B 191 -13.73 -4.68 -12.55
N ALA B 192 -14.81 -4.50 -11.82
CA ALA B 192 -15.03 -3.32 -10.97
C ALA B 192 -14.04 -3.34 -9.81
N ARG B 193 -13.97 -4.51 -9.20
CA ARG B 193 -13.11 -4.75 -8.07
C ARG B 193 -11.65 -4.47 -8.40
N ILE B 194 -11.24 -4.85 -9.62
CA ILE B 194 -9.84 -4.67 -10.05
C ILE B 194 -9.55 -3.17 -10.08
N ALA B 195 -10.56 -2.42 -10.54
CA ALA B 195 -10.47 -0.96 -10.62
C ALA B 195 -10.36 -0.40 -9.17
N GLU B 196 -11.19 -0.90 -8.28
CA GLU B 196 -11.22 -0.42 -6.89
C GLU B 196 -9.89 -0.69 -6.21
N GLY B 198 -7.05 -0.41 -7.63
CA GLY B 198 -6.02 0.39 -8.22
C GLY B 198 -5.28 -0.25 -9.37
N GLU B 200 -5.37 -2.25 -13.39
CA GLU B 200 -5.95 -2.12 -14.72
C GLU B 200 -6.76 -3.36 -15.11
N PRO B 201 -8.08 -3.17 -15.27
CA PRO B 201 -8.85 -4.32 -15.61
C PRO B 201 -8.94 -4.51 -17.09
N PHE B 202 -9.03 -5.76 -17.52
CA PHE B 202 -9.36 -6.06 -18.93
C PHE B 202 -10.24 -7.30 -19.03
N HIS B 203 -11.14 -7.30 -20.01
CA HIS B 203 -12.04 -8.45 -20.21
C HIS B 203 -11.14 -9.57 -20.74
N ILE B 204 -11.24 -10.72 -20.10
CA ILE B 204 -10.40 -11.89 -20.41
C ILE B 204 -10.44 -12.32 -21.89
N SER B 205 -11.51 -11.96 -22.57
CA SER B 205 -11.66 -12.31 -23.98
C SER B 205 -10.67 -11.50 -24.83
N LYS B 206 -10.04 -10.50 -24.24
CA LYS B 206 -9.10 -9.65 -24.98
C LYS B 206 -7.64 -9.95 -24.63
N ALA B 207 -7.46 -11.10 -24.01
CA ALA B 207 -6.11 -11.50 -23.54
C ALA B 207 -5.03 -11.29 -24.61
N ALA B 208 -5.28 -11.82 -25.80
CA ALA B 208 -4.26 -11.79 -26.87
C ALA B 208 -3.75 -10.36 -27.10
N GLN B 209 -4.67 -9.40 -27.19
CA GLN B 209 -4.26 -7.98 -27.42
C GLN B 209 -3.70 -7.35 -26.19
N GLU B 210 -4.24 -7.69 -25.03
CA GLU B 210 -3.79 -7.05 -23.77
C GLU B 210 -2.44 -7.54 -23.24
N LEU B 211 -2.02 -8.70 -23.70
CA LEU B 211 -0.79 -9.30 -23.21
C LEU B 211 0.40 -9.06 -24.12
N ARG B 212 0.20 -8.20 -25.12
CA ARG B 212 1.22 -7.89 -26.12
C ARG B 212 2.49 -7.26 -25.59
N ASP B 213 2.37 -6.63 -24.44
CA ASP B 213 3.52 -5.94 -23.82
C ASP B 213 3.81 -6.40 -22.39
N VAL B 214 3.20 -7.50 -22.00
CA VAL B 214 3.41 -8.08 -20.63
C VAL B 214 4.77 -8.79 -20.46
N ASP B 215 5.37 -8.51 -19.31
CA ASP B 215 6.68 -9.08 -18.95
C ASP B 215 6.54 -10.37 -18.20
N VAL B 216 5.55 -10.40 -17.31
CA VAL B 216 5.25 -11.58 -16.51
C VAL B 216 3.76 -11.82 -16.54
N CYS B 217 3.38 -13.06 -16.87
CA CYS B 217 1.96 -13.42 -16.92
C CYS B 217 1.68 -14.58 -16.01
N ILE B 218 0.84 -14.31 -15.02
CA ILE B 218 0.46 -15.34 -14.05
C ILE B 218 -0.97 -15.78 -14.30
N ASN B 219 -1.12 -17.06 -14.64
CA ASN B 219 -2.46 -17.64 -14.76
C ASN B 219 -2.98 -18.30 -13.49
N THR B 220 -4.25 -18.02 -13.22
CA THR B 220 -5.02 -18.64 -12.12
C THR B 220 -6.35 -19.28 -12.59
N ILE B 221 -6.65 -19.14 -13.87
CA ILE B 221 -7.87 -19.70 -14.44
C ILE B 221 -7.70 -21.19 -14.87
N PRO B 222 -8.53 -22.10 -14.32
CA PRO B 222 -8.41 -23.49 -14.65
C PRO B 222 -9.07 -23.84 -15.95
N ALA B 223 -8.79 -23.00 -16.95
CA ALA B 223 -9.25 -23.22 -18.31
C ALA B 223 -8.15 -22.85 -19.30
N LEU B 224 -8.26 -23.37 -20.52
CA LEU B 224 -7.28 -23.05 -21.57
C LEU B 224 -7.38 -21.63 -22.08
N VAL B 225 -6.77 -20.71 -21.33
CA VAL B 225 -6.81 -19.27 -21.68
C VAL B 225 -5.51 -18.71 -22.25
N VAL B 226 -4.35 -19.24 -21.84
CA VAL B 226 -3.10 -18.78 -22.42
C VAL B 226 -2.83 -19.68 -23.62
N THR B 227 -3.65 -19.46 -24.63
CA THR B 227 -3.62 -20.23 -25.87
C THR B 227 -2.49 -19.90 -26.84
N ALA B 228 -2.41 -20.68 -27.89
CA ALA B 228 -1.39 -20.49 -28.93
C ALA B 228 -1.45 -19.09 -29.50
N ASN B 229 -2.66 -18.56 -29.60
CA ASN B 229 -2.90 -17.23 -30.20
C ASN B 229 -2.40 -16.13 -29.30
N VAL B 230 -2.68 -16.28 -28.02
CA VAL B 230 -2.24 -15.26 -27.04
CA VAL B 230 -2.24 -15.31 -27.00
C VAL B 230 -0.71 -15.30 -26.95
N LEU B 231 -0.15 -16.50 -26.90
CA LEU B 231 1.32 -16.64 -26.77
C LEU B 231 2.04 -16.01 -27.93
N ALA B 232 1.43 -16.15 -29.11
CA ALA B 232 2.03 -15.64 -30.33
C ALA B 232 2.15 -14.13 -30.33
N GLU B 233 1.31 -13.48 -29.54
CA GLU B 233 1.29 -12.00 -29.47
C GLU B 233 2.18 -11.43 -28.38
N PRO B 235 5.63 -10.70 -25.98
CA PRO B 235 7.07 -10.48 -26.18
C PRO B 235 7.84 -11.78 -26.01
N SER B 236 8.96 -11.87 -26.71
CA SER B 236 9.75 -13.08 -26.66
C SER B 236 10.15 -13.47 -25.25
N HIS B 237 10.34 -12.44 -24.44
CA HIS B 237 10.89 -12.60 -23.09
C HIS B 237 9.91 -12.86 -21.97
N THR B 238 8.62 -12.89 -22.29
CA THR B 238 7.63 -13.07 -21.24
C THR B 238 7.83 -14.37 -20.48
N PHE B 239 7.58 -14.26 -19.19
CA PHE B 239 7.58 -15.39 -18.25
C PHE B 239 6.16 -15.74 -17.84
N VAL B 240 5.73 -16.92 -18.22
CA VAL B 240 4.38 -17.37 -17.84
C VAL B 240 4.46 -18.27 -16.63
N ILE B 241 3.83 -17.85 -15.55
CA ILE B 241 3.74 -18.68 -14.34
C ILE B 241 2.30 -19.20 -14.25
N ASP B 242 2.11 -20.51 -14.31
CA ASP B 242 0.74 -21.03 -14.33
C ASP B 242 0.41 -21.75 -13.03
N LEU B 243 -0.49 -21.12 -12.29
CA LEU B 243 -0.88 -21.58 -10.97
C LEU B 243 -2.18 -22.32 -10.98
N ALA B 244 -2.77 -22.52 -12.15
CA ALA B 244 -4.07 -23.25 -12.21
C ALA B 244 -3.83 -24.74 -11.98
N SER B 245 -4.84 -25.42 -11.47
CA SER B 245 -4.68 -26.85 -11.23
C SER B 245 -4.31 -27.58 -12.52
N LYS B 246 -3.43 -28.56 -12.34
CA LYS B 246 -2.96 -29.41 -13.43
C LYS B 246 -4.15 -29.78 -14.29
N PRO B 247 -4.01 -29.73 -15.63
CA PRO B 247 -2.81 -29.46 -16.40
C PRO B 247 -2.57 -27.97 -16.65
N GLY B 248 -3.25 -27.12 -15.89
CA GLY B 248 -3.10 -25.68 -16.00
C GLY B 248 -4.04 -24.98 -16.95
N GLY B 249 -3.59 -23.83 -17.46
CA GLY B 249 -4.41 -23.03 -18.38
C GLY B 249 -3.66 -22.49 -19.57
N THR B 250 -2.56 -23.18 -19.90
CA THR B 250 -1.62 -22.78 -20.94
C THR B 250 -1.31 -23.88 -21.94
N ASP B 251 -1.16 -23.49 -23.19
CA ASP B 251 -0.72 -24.38 -24.24
C ASP B 251 0.81 -24.42 -24.13
N PHE B 252 1.25 -25.25 -23.21
CA PHE B 252 2.68 -25.42 -22.93
C PHE B 252 3.43 -25.92 -24.14
N ARG B 253 2.76 -26.72 -24.93
CA ARG B 253 3.36 -27.33 -26.10
C ARG B 253 3.78 -26.24 -27.07
N TYR B 254 2.87 -25.30 -27.32
CA TYR B 254 3.14 -24.19 -28.23
C TYR B 254 4.11 -23.24 -27.59
N ALA B 255 3.91 -22.98 -26.32
CA ALA B 255 4.78 -22.04 -25.61
C ALA B 255 6.22 -22.47 -25.83
N GLU B 256 6.45 -23.76 -25.70
CA GLU B 256 7.82 -24.32 -25.79
C GLU B 256 8.41 -24.11 -27.18
N LYS B 257 7.59 -24.31 -28.21
CA LYS B 257 8.05 -24.14 -29.56
C LYS B 257 8.32 -22.69 -29.92
N ARG B 258 7.63 -21.75 -29.31
CA ARG B 258 7.88 -20.38 -29.70
C ARG B 258 8.87 -19.68 -28.77
N GLY B 259 9.49 -20.47 -27.91
CA GLY B 259 10.54 -19.97 -27.02
C GLY B 259 10.05 -19.14 -25.88
N ILE B 260 8.78 -19.32 -25.53
CA ILE B 260 8.22 -18.62 -24.37
C ILE B 260 8.37 -19.45 -23.12
N LYS B 261 9.13 -18.95 -22.16
CA LYS B 261 9.28 -19.67 -20.88
C LYS B 261 7.95 -19.74 -20.13
N ALA B 262 7.42 -20.97 -20.01
CA ALA B 262 6.14 -21.23 -19.32
C ALA B 262 6.26 -22.39 -18.36
N LEU B 263 5.87 -22.18 -17.14
CA LEU B 263 5.93 -23.23 -16.09
C LEU B 263 4.63 -23.45 -15.36
N LEU B 264 4.31 -24.72 -15.17
CA LEU B 264 3.14 -25.16 -14.44
C LEU B 264 3.66 -25.37 -13.03
N VAL B 265 3.21 -24.53 -12.11
CA VAL B 265 3.78 -24.50 -10.76
C VAL B 265 2.77 -24.80 -9.67
N PRO B 266 2.50 -26.09 -9.49
CA PRO B 266 1.65 -26.39 -8.38
C PRO B 266 2.43 -26.54 -7.08
N GLY B 267 1.68 -26.54 -6.00
CA GLY B 267 2.24 -26.77 -4.70
C GLY B 267 3.21 -25.80 -4.08
N LEU B 268 3.14 -24.52 -4.46
CA LEU B 268 4.04 -23.51 -3.87
C LEU B 268 3.94 -23.42 -2.32
N PRO B 269 2.75 -23.54 -1.73
CA PRO B 269 2.74 -23.51 -0.27
C PRO B 269 3.65 -24.55 0.42
N GLY B 270 3.71 -25.74 -0.13
CA GLY B 270 4.51 -26.80 0.50
C GLY B 270 5.98 -26.57 0.27
N ILE B 271 6.25 -25.84 -0.81
CA ILE B 271 7.60 -25.50 -1.24
C ILE B 271 8.14 -24.30 -0.49
N VAL B 272 7.38 -23.23 -0.42
CA VAL B 272 7.93 -21.98 0.16
C VAL B 272 7.54 -21.69 1.60
N ALA B 273 6.51 -22.33 2.11
CA ALA B 273 6.11 -22.11 3.51
C ALA B 273 5.33 -23.30 4.13
N PRO B 274 5.96 -24.46 4.18
CA PRO B 274 5.23 -25.64 4.63
C PRO B 274 4.79 -25.58 6.07
N LYS B 275 5.51 -24.79 6.87
CA LYS B 275 5.15 -24.63 8.29
C LYS B 275 3.83 -23.88 8.35
N THR B 276 3.74 -22.78 7.59
CA THR B 276 2.48 -21.99 7.53
C THR B 276 1.34 -22.82 6.90
N ALA B 277 1.67 -23.53 5.84
CA ALA B 277 0.72 -24.41 5.15
C ALA B 277 0.14 -25.46 6.14
N GLY B 278 1.05 -26.03 6.90
CA GLY B 278 0.72 -27.03 7.91
C GLY B 278 -0.17 -26.43 9.00
N ARG B 279 0.20 -25.25 9.46
CA ARG B 279 -0.58 -24.55 10.50
C ARG B 279 -1.99 -24.27 10.03
N ILE B 280 -2.13 -23.88 8.78
CA ILE B 280 -3.45 -23.59 8.18
C ILE B 280 -4.32 -24.86 8.24
N LEU B 281 -3.73 -25.97 7.83
CA LEU B 281 -4.49 -27.23 7.81
C LEU B 281 -4.85 -27.65 9.21
N ALA B 282 -3.86 -27.49 10.08
CA ALA B 282 -3.97 -27.95 11.47
C ALA B 282 -5.09 -27.23 12.21
N ASP B 283 -5.20 -25.94 11.93
CA ASP B 283 -6.19 -25.10 12.57
C ASP B 283 -7.61 -25.52 12.18
N VAL B 284 -7.81 -25.82 10.91
CA VAL B 284 -9.14 -26.25 10.41
C VAL B 284 -9.44 -27.67 10.93
N LEU B 285 -8.42 -28.52 10.89
CA LEU B 285 -8.55 -29.91 11.37
C LEU B 285 -8.95 -30.07 12.84
N VAL B 286 -8.37 -29.29 13.75
CA VAL B 286 -8.76 -29.44 15.16
C VAL B 286 -10.24 -29.06 15.33
N LYS B 287 -10.71 -28.11 14.54
CA LYS B 287 -12.10 -27.68 14.62
C LYS B 287 -12.99 -28.81 14.07
N LEU B 288 -12.67 -29.29 12.87
CA LEU B 288 -13.48 -30.34 12.26
C LEU B 288 -13.49 -31.63 13.05
N LEU B 289 -12.33 -32.00 13.56
CA LEU B 289 -12.20 -33.25 14.30
C LEU B 289 -12.98 -33.26 15.61
N ALA B 290 -13.28 -32.08 16.12
CA ALA B 290 -14.01 -31.91 17.39
C ALA B 290 -15.52 -31.95 17.16
N GLU B 291 -15.96 -31.66 15.95
CA GLU B 291 -17.37 -31.67 15.62
C GLU B 291 -17.96 -33.09 15.61
N PRO B 292 -19.26 -33.21 15.91
CA PRO B 292 -19.94 -34.53 15.91
C PRO B 292 -20.07 -35.18 14.52
N GLY C 1 7.59 17.91 39.99
CA GLY C 1 7.47 19.39 39.93
C GLY C 1 8.45 19.90 38.92
N LEU C 3 8.44 21.65 36.14
CA LEU C 3 8.42 23.06 35.70
C LEU C 3 8.11 24.00 36.83
N THR C 4 8.34 23.51 38.03
CA THR C 4 8.14 24.31 39.24
C THR C 4 9.10 25.49 39.24
N GLY C 5 8.54 26.65 39.52
CA GLY C 5 9.29 27.90 39.63
C GLY C 5 9.52 28.58 38.31
N LYS C 6 9.04 27.92 37.25
CA LYS C 6 9.15 28.48 35.90
C LYS C 6 7.88 29.21 35.54
N HIS C 7 8.04 30.33 34.87
CA HIS C 7 6.93 31.17 34.46
C HIS C 7 6.93 31.34 32.97
N VAL C 8 5.87 30.85 32.35
CA VAL C 8 5.71 30.96 30.89
C VAL C 8 4.44 31.72 30.50
N VAL C 9 4.59 32.48 29.42
CA VAL C 9 3.46 33.18 28.85
C VAL C 9 3.15 32.47 27.54
N ILE C 10 1.88 32.10 27.45
CA ILE C 10 1.29 31.43 26.32
C ILE C 10 0.36 32.43 25.68
N ILE C 11 0.71 32.79 24.46
CA ILE C 11 0.02 33.84 23.70
C ILE C 11 -0.57 33.27 22.45
N GLY C 12 -1.89 33.27 22.42
CA GLY C 12 -2.66 32.74 21.29
C GLY C 12 -2.45 31.29 20.92
N GLY C 13 -3.05 30.99 19.79
CA GLY C 13 -2.96 29.68 19.16
C GLY C 13 -4.28 29.11 18.76
N ASP C 14 -4.28 27.78 18.68
CA ASP C 14 -5.49 27.06 18.36
C ASP C 14 -5.71 25.92 19.32
N ALA C 15 -6.43 24.92 18.86
CA ALA C 15 -6.81 23.81 19.77
C ALA C 15 -5.61 23.03 20.24
N ARG C 16 -4.57 23.05 19.42
CA ARG C 16 -3.32 22.42 19.81
C ARG C 16 -2.82 22.94 21.13
N GLN C 17 -2.96 24.23 21.30
CA GLN C 17 -2.44 24.91 22.50
C GLN C 17 -3.08 24.40 23.79
N LEU C 18 -4.29 23.89 23.66
CA LEU C 18 -5.04 23.38 24.80
C LEU C 18 -4.28 22.20 25.43
N GLU C 19 -3.58 21.44 24.59
CA GLU C 19 -2.82 20.26 25.06
C GLU C 19 -1.56 20.72 25.78
N ILE C 20 -1.02 21.80 25.27
CA ILE C 20 0.19 22.40 25.82
C ILE C 20 -0.16 23.03 27.16
N ILE C 21 -1.27 23.75 27.21
CA ILE C 21 -1.68 24.44 28.45
C ILE C 21 -1.88 23.40 29.56
N ARG C 22 -2.49 22.29 29.18
CA ARG C 22 -2.83 21.23 30.14
C ARG C 22 -1.61 20.56 30.73
N LYS C 23 -0.67 20.21 29.87
CA LYS C 23 0.51 19.49 30.32
C LYS C 23 1.38 20.36 31.19
N LEU C 24 1.60 21.59 30.74
CA LEU C 24 2.44 22.53 31.51
C LEU C 24 1.85 22.74 32.90
N SER C 25 0.53 22.76 32.96
CA SER C 25 -0.18 22.94 34.24
C SER C 25 0.15 21.80 35.20
N THR C 26 0.06 20.59 34.66
CA THR C 26 0.23 19.40 35.50
C THR C 26 1.65 19.31 36.01
N PHE C 27 2.57 19.95 35.29
CA PHE C 27 3.99 19.92 35.67
C PHE C 27 4.38 21.08 36.56
N ASP C 28 3.34 21.73 37.06
CA ASP C 28 3.46 22.81 38.05
C ASP C 28 4.11 24.10 37.56
N ALA C 29 3.90 24.43 36.30
CA ALA C 29 4.41 25.70 35.74
C ALA C 29 3.45 26.84 36.02
N LYS C 30 4.02 28.03 36.13
CA LYS C 30 3.19 29.24 36.27
C LYS C 30 2.92 29.71 34.85
N ILE C 31 1.63 29.91 34.55
CA ILE C 31 1.17 30.25 33.20
C ILE C 31 0.26 31.47 33.05
N SER C 32 0.80 32.50 32.41
CA SER C 32 0.05 33.69 32.06
C SER C 32 -0.52 33.43 30.68
N LEU C 33 -1.85 33.48 30.57
CA LEU C 33 -2.54 33.07 29.33
C LEU C 33 -3.25 34.19 28.60
N VAL C 34 -2.70 34.54 27.45
CA VAL C 34 -3.21 35.66 26.64
C VAL C 34 -3.89 35.17 25.37
N GLY C 35 -5.12 35.66 25.17
CA GLY C 35 -5.90 35.36 23.96
C GLY C 35 -6.90 34.24 24.11
N PHE C 36 -7.16 33.85 25.34
CA PHE C 36 -8.09 32.73 25.60
C PHE C 36 -9.30 33.12 26.44
N ASP C 37 -9.77 34.34 26.26
CA ASP C 37 -10.91 34.82 27.04
C ASP C 37 -12.16 34.00 26.79
N GLN C 38 -12.24 33.40 25.61
CA GLN C 38 -13.41 32.55 25.28
C GLN C 38 -13.30 31.16 25.87
N LEU C 39 -12.11 30.81 26.31
CA LEU C 39 -11.85 29.49 26.92
C LEU C 39 -12.54 29.44 28.27
N ASP C 40 -13.61 28.66 28.30
CA ASP C 40 -14.44 28.56 29.51
C ASP C 40 -13.66 27.90 30.63
N ASP C 41 -12.80 26.97 30.24
CA ASP C 41 -12.01 26.18 31.19
C ASP C 41 -10.97 26.95 31.97
N GLY C 42 -10.71 26.35 33.11
CA GLY C 42 -9.72 26.79 34.10
C GLY C 42 -8.66 25.71 34.29
N PHE C 43 -7.48 26.13 34.69
CA PHE C 43 -6.37 25.21 34.93
C PHE C 43 -5.51 25.70 36.07
N ILE C 44 -5.02 24.76 36.86
CA ILE C 44 -4.12 25.07 37.97
C ILE C 44 -2.96 25.84 37.36
N GLY C 45 -2.59 26.91 38.05
CA GLY C 45 -1.43 27.72 37.69
C GLY C 45 -1.64 28.72 36.58
N VAL C 46 -2.78 28.61 35.93
CA VAL C 46 -3.12 29.49 34.79
C VAL C 46 -3.92 30.72 35.18
N THR C 47 -3.43 31.88 34.72
CA THR C 47 -4.10 33.17 34.89
C THR C 47 -4.27 33.83 33.54
N LYS C 48 -5.53 34.07 33.17
CA LYS C 48 -5.87 34.71 31.91
C LYS C 48 -5.70 36.20 32.02
N ARG C 50 -4.73 40.13 29.57
CA ARG C 50 -4.47 40.92 28.37
C ARG C 50 -2.96 41.06 28.27
N ILE C 51 -2.49 41.22 27.03
CA ILE C 51 -1.05 41.26 26.76
C ILE C 51 -0.41 42.41 27.52
N ASP C 52 -1.20 43.45 27.74
CA ASP C 52 -0.74 44.66 28.44
C ASP C 52 -0.66 44.46 29.95
N GLU C 53 -1.06 43.28 30.42
CA GLU C 53 -1.06 42.99 31.87
C GLU C 53 0.06 42.01 32.24
N VAL C 54 0.78 41.57 31.23
CA VAL C 54 1.86 40.56 31.40
C VAL C 54 3.01 41.15 32.21
N ASP C 55 3.55 40.33 33.09
CA ASP C 55 4.67 40.69 33.98
C ASP C 55 5.95 40.18 33.34
N TRP C 56 6.39 40.94 32.33
CA TRP C 56 7.50 40.51 31.45
C TRP C 56 8.81 40.17 32.13
N ASN C 57 9.16 40.89 33.18
CA ASN C 57 10.47 40.68 33.83
C ASN C 57 10.54 39.44 34.73
N THR C 58 9.51 38.59 34.68
CA THR C 58 9.51 37.34 35.48
C THR C 58 9.26 36.09 34.64
N VAL C 59 9.13 36.33 33.34
CA VAL C 59 8.82 35.31 32.34
C VAL C 59 10.04 34.58 31.81
N ASP C 60 10.06 33.28 32.00
CA ASP C 60 11.20 32.45 31.57
C ASP C 60 11.02 32.04 30.12
N ALA C 61 9.80 32.16 29.63
CA ALA C 61 9.52 31.75 28.26
C ALA C 61 8.20 32.22 27.68
N ILE C 62 8.29 32.52 26.40
CA ILE C 62 7.16 32.98 25.62
C ILE C 62 6.82 31.96 24.55
N LEU C 63 5.60 31.44 24.62
CA LEU C 63 5.11 30.44 23.69
C LEU C 63 4.11 31.03 22.74
N LEU C 64 4.54 31.08 21.49
CA LEU C 64 3.72 31.57 20.41
C LEU C 64 3.11 30.41 19.65
N PRO C 65 2.05 30.68 18.88
CA PRO C 65 1.49 29.62 18.08
C PRO C 65 2.49 29.10 17.08
N ILE C 66 2.13 28.01 16.40
CA ILE C 66 3.01 27.44 15.39
C ILE C 66 3.28 28.48 14.32
N SER C 67 2.29 29.30 14.03
CA SER C 67 2.40 30.35 12.98
C SER C 67 3.24 31.54 13.40
N GLY C 68 3.60 31.60 14.68
CA GLY C 68 4.36 32.74 15.20
C GLY C 68 3.49 33.99 15.28
N THR C 69 3.98 35.07 14.66
CA THR C 69 3.23 36.34 14.54
C THR C 69 3.17 36.67 13.06
N ASN C 70 2.44 37.71 12.70
CA ASN C 70 2.48 38.14 11.29
C ASN C 70 3.53 39.22 11.23
N GLU C 71 3.65 39.86 10.07
CA GLU C 71 4.72 40.86 9.87
C GLU C 71 4.54 42.10 10.70
N ALA C 72 3.38 42.20 11.35
CA ALA C 72 3.06 43.37 12.19
C ALA C 72 3.13 43.01 13.66
N GLY C 73 3.49 41.76 13.91
CA GLY C 73 3.67 41.25 15.27
C GLY C 73 2.39 40.75 15.87
N LYS C 74 1.37 40.63 15.03
CA LYS C 74 0.04 40.18 15.46
C LYS C 74 -0.02 38.66 15.63
N VAL C 75 -0.56 38.23 16.78
CA VAL C 75 -0.66 36.81 17.15
C VAL C 75 -2.07 36.28 16.99
N ASP C 76 -2.21 35.24 16.20
CA ASP C 76 -3.53 34.65 15.98
C ASP C 76 -4.00 33.82 17.16
N THR C 77 -5.30 33.88 17.33
CA THR C 77 -6.04 33.11 18.34
C THR C 77 -7.48 32.89 17.94
N ILE C 78 -7.92 31.65 18.11
CA ILE C 78 -9.30 31.28 17.82
C ILE C 78 -10.14 31.36 19.09
N PHE C 79 -9.53 31.79 20.20
CA PHE C 79 -10.24 31.84 21.51
C PHE C 79 -10.48 33.26 22.00
N SER C 80 -10.44 34.17 21.04
CA SER C 80 -10.66 35.61 21.28
C SER C 80 -10.76 36.39 19.99
N ASN C 81 -11.55 37.44 20.06
CA ASN C 81 -11.77 38.34 18.93
C ASN C 81 -10.86 39.54 19.09
N GLU C 82 -10.11 39.54 20.19
CA GLU C 82 -9.18 40.64 20.51
C GLU C 82 -7.86 40.53 19.77
N SER C 83 -7.38 41.70 19.39
CA SER C 83 -6.11 41.88 18.68
C SER C 83 -4.98 41.78 19.66
N ILE C 84 -3.96 41.01 19.29
CA ILE C 84 -2.77 40.81 20.14
C ILE C 84 -1.49 41.04 19.37
N VAL C 85 -0.78 42.09 19.75
CA VAL C 85 0.48 42.41 19.09
C VAL C 85 1.65 42.30 20.04
N LEU C 86 2.62 41.51 19.63
CA LEU C 86 3.83 41.29 20.40
C LEU C 86 4.90 42.26 19.93
N THR C 87 5.26 43.17 20.80
CA THR C 87 6.24 44.19 20.48
C THR C 87 7.64 43.90 20.99
N GLU C 88 8.55 44.78 20.59
CA GLU C 88 9.96 44.69 20.95
C GLU C 88 10.11 45.13 22.38
N GLU C 89 9.23 46.05 22.73
CA GLU C 89 9.24 46.67 24.04
C GLU C 89 8.92 45.63 25.07
N ILE C 91 9.35 42.35 24.77
CA ILE C 91 10.39 41.31 24.77
C ILE C 91 11.66 41.70 25.53
N GLU C 92 11.93 43.00 25.57
CA GLU C 92 13.15 43.53 26.24
C GLU C 92 12.96 43.61 27.73
N LYS C 93 11.69 43.54 28.15
CA LYS C 93 11.35 43.55 29.57
C LYS C 93 11.60 42.18 30.16
N THR C 94 11.76 41.18 29.29
CA THR C 94 11.95 39.80 29.77
C THR C 94 13.37 39.63 30.34
N PRO C 95 13.58 38.58 31.16
CA PRO C 95 14.91 38.33 31.64
C PRO C 95 15.79 37.84 30.52
N ASN C 96 17.09 38.00 30.72
CA ASN C 96 18.09 37.65 29.72
C ASN C 96 17.91 36.24 29.19
N HIS C 97 17.57 35.33 30.09
CA HIS C 97 17.44 33.89 29.77
C HIS C 97 16.14 33.51 29.11
N CYS C 98 15.22 34.46 29.02
CA CYS C 98 13.90 34.18 28.42
C CYS C 98 14.04 33.70 26.98
N VAL C 99 13.30 32.64 26.68
CA VAL C 99 13.30 32.02 25.35
C VAL C 99 11.89 32.06 24.76
N VAL C 100 11.87 32.37 23.47
CA VAL C 100 10.65 32.43 22.71
C VAL C 100 10.56 31.19 21.88
N TYR C 101 9.40 30.55 21.94
CA TYR C 101 9.15 29.32 21.17
C TYR C 101 8.06 29.52 20.13
N SER C 102 8.36 29.09 18.92
CA SER C 102 7.38 29.17 17.85
C SER C 102 7.42 27.89 17.02
N GLY C 103 6.61 27.87 15.98
CA GLY C 103 6.62 26.76 15.01
C GLY C 103 7.60 27.25 13.96
N ILE C 104 7.18 28.36 13.36
CA ILE C 104 7.97 29.06 12.34
C ILE C 104 8.17 30.49 12.75
N SER C 105 8.93 31.20 11.95
CA SER C 105 9.14 32.63 12.17
C SER C 105 8.94 33.40 10.88
N ASN C 106 9.35 34.65 10.94
CA ASN C 106 9.34 35.53 9.79
C ASN C 106 10.30 36.67 10.02
N THR C 107 10.31 37.60 9.08
CA THR C 107 11.27 38.69 9.13
C THR C 107 11.03 39.57 10.35
N TYR C 108 9.75 39.87 10.60
CA TYR C 108 9.38 40.72 11.74
C TYR C 108 9.81 40.12 13.04
N LEU C 109 9.44 38.86 13.19
CA LEU C 109 9.72 38.14 14.44
C LEU C 109 11.22 37.98 14.60
N ASN C 110 11.87 37.62 13.50
CA ASN C 110 13.34 37.41 13.49
C ASN C 110 14.07 38.70 13.84
N GLN C 111 13.47 39.81 13.46
CA GLN C 111 14.05 41.13 13.70
C GLN C 111 13.91 41.54 15.15
N CYS C 112 12.83 41.10 15.79
CA CYS C 112 12.59 41.45 17.19
C CYS C 112 13.62 40.78 18.04
N LYS C 114 16.36 39.58 17.12
CA LYS C 114 17.68 40.06 16.74
C LYS C 114 18.06 41.21 17.62
N LYS C 115 17.22 42.23 17.57
CA LYS C 115 17.44 43.47 18.29
C LYS C 115 17.32 43.37 19.80
N THR C 116 16.56 42.40 20.29
CA THR C 116 16.32 42.26 21.74
C THR C 116 17.29 41.26 22.36
N ASN C 117 18.03 40.60 21.47
CA ASN C 117 19.05 39.63 21.85
C ASN C 117 18.47 38.46 22.63
N ARG C 118 17.30 38.02 22.18
CA ARG C 118 16.62 36.85 22.78
C ARG C 118 16.65 35.66 21.85
N THR C 119 16.76 34.49 22.47
CA THR C 119 16.82 33.22 21.72
C THR C 119 15.45 32.84 21.24
N LEU C 120 15.42 32.36 20.01
CA LEU C 120 14.20 31.90 19.37
C LEU C 120 14.33 30.48 18.89
N VAL C 121 13.38 29.68 19.32
CA VAL C 121 13.28 28.29 18.94
C VAL C 121 12.07 28.08 18.04
N LYS C 122 12.37 27.67 16.82
CA LYS C 122 11.38 27.38 15.81
C LYS C 122 11.23 25.87 15.78
N LEU C 123 10.17 25.40 16.43
CA LEU C 123 9.95 23.97 16.60
C LEU C 123 9.85 23.22 15.30
N GLU C 125 11.66 23.46 12.78
CA GLU C 125 12.98 23.18 12.19
C GLU C 125 13.54 21.87 12.72
N ARG C 126 12.83 21.28 13.66
CA ARG C 126 13.28 19.98 14.19
C ARG C 126 12.66 18.98 13.26
N ASP C 127 13.49 18.26 12.53
CA ASP C 127 12.96 17.37 11.49
C ASP C 127 11.99 16.36 12.05
N ASP C 128 12.24 15.92 13.27
CA ASP C 128 11.35 14.93 13.88
C ASP C 128 9.96 15.48 14.09
N ILE C 129 9.89 16.69 14.62
CA ILE C 129 8.61 17.32 14.91
C ILE C 129 7.92 17.61 13.58
N ALA C 130 8.70 18.11 12.64
CA ALA C 130 8.17 18.45 11.31
C ALA C 130 7.58 17.18 10.66
N ILE C 131 8.30 16.07 10.77
CA ILE C 131 7.83 14.79 10.21
C ILE C 131 6.55 14.30 10.90
N TYR C 132 6.52 14.36 12.23
CA TYR C 132 5.31 13.93 12.94
C TYR C 132 4.13 14.80 12.50
N ASN C 133 4.42 16.07 12.28
CA ASN C 133 3.36 17.05 11.99
C ASN C 133 2.84 16.93 10.56
N SER C 134 3.65 16.30 9.70
CA SER C 134 3.30 16.04 8.30
C SER C 134 2.14 15.06 8.21
N ILE C 135 1.95 14.27 9.26
CA ILE C 135 0.89 13.24 9.26
C ILE C 135 -0.51 13.90 9.32
N PRO C 136 -0.79 14.68 10.36
CA PRO C 136 -2.08 15.33 10.28
C PRO C 136 -2.20 16.33 9.13
N THR C 137 -1.09 16.93 8.71
CA THR C 137 -1.15 17.87 7.59
C THR C 137 -1.67 17.15 6.34
N ALA C 138 -1.18 15.92 6.12
CA ALA C 138 -1.59 15.06 4.95
C ALA C 138 -3.03 14.68 5.07
N GLU C 139 -3.43 14.36 6.29
CA GLU C 139 -4.81 14.00 6.57
C GLU C 139 -5.71 15.14 6.21
N GLY C 140 -5.32 16.33 6.61
CA GLY C 140 -6.12 17.51 6.30
C GLY C 140 -6.15 17.80 4.81
N THR C 141 -5.03 17.55 4.15
CA THR C 141 -4.91 17.78 2.71
C THR C 141 -5.83 16.81 1.95
N ILE C 142 -5.86 15.59 2.42
CA ILE C 142 -6.72 14.57 1.82
C ILE C 142 -8.17 14.94 2.03
N ALA C 145 -9.09 17.75 -0.34
CA ALA C 145 -9.11 17.37 -1.76
C ALA C 145 -10.41 16.64 -2.05
N ILE C 146 -10.81 15.84 -1.08
CA ILE C 146 -12.07 15.10 -1.18
C ILE C 146 -13.24 16.09 -1.13
N GLN C 147 -13.20 16.99 -0.16
CA GLN C 147 -14.29 17.97 0.03
C GLN C 147 -14.57 18.88 -1.14
N HIS C 148 -13.50 19.32 -1.79
CA HIS C 148 -13.59 20.38 -2.80
C HIS C 148 -13.61 19.93 -4.24
N THR C 149 -13.62 18.62 -4.44
CA THR C 149 -13.71 18.03 -5.79
C THR C 149 -15.06 17.35 -6.00
N ASP C 150 -15.51 17.33 -7.24
CA ASP C 150 -16.77 16.68 -7.57
C ASP C 150 -16.51 15.32 -8.20
N PHE C 151 -15.26 14.91 -8.15
CA PHE C 151 -14.79 13.62 -8.66
C PHE C 151 -13.96 12.94 -7.57
N THR C 152 -13.75 11.64 -7.74
CA THR C 152 -12.93 10.87 -6.77
C THR C 152 -11.44 11.13 -6.94
N ILE C 153 -10.77 11.17 -5.81
CA ILE C 153 -9.29 11.23 -5.77
C ILE C 153 -8.76 9.91 -6.32
N HIS C 154 -9.51 8.85 -6.05
CA HIS C 154 -9.19 7.54 -6.58
C HIS C 154 -9.24 7.64 -8.09
N GLY C 155 -8.12 7.31 -8.73
CA GLY C 155 -8.04 7.32 -10.17
C GLY C 155 -7.71 8.65 -10.81
N ALA C 156 -7.69 9.69 -10.00
CA ALA C 156 -7.40 11.05 -10.49
C ALA C 156 -5.91 11.23 -10.63
N ASN C 157 -5.53 12.23 -11.43
CA ASN C 157 -4.14 12.60 -11.59
C ASN C 157 -3.78 13.62 -10.56
N VAL C 158 -2.87 13.25 -9.67
CA VAL C 158 -2.45 14.14 -8.58
C VAL C 158 -0.97 14.39 -8.58
N ALA C 159 -0.61 15.65 -8.55
CA ALA C 159 0.80 16.08 -8.50
C ALA C 159 1.09 16.67 -7.15
N VAL C 160 2.23 16.29 -6.61
CA VAL C 160 2.77 16.91 -5.39
C VAL C 160 4.08 17.56 -5.80
N LEU C 161 4.27 18.81 -5.39
CA LEU C 161 5.48 19.56 -5.74
C LEU C 161 6.32 19.61 -4.49
N GLY C 162 7.45 18.93 -4.57
CA GLY C 162 8.43 18.84 -3.48
C GLY C 162 8.41 17.51 -2.78
N LEU C 163 9.59 16.98 -2.49
CA LEU C 163 9.66 15.74 -1.76
C LEU C 163 10.46 15.95 -0.46
N GLY C 164 10.13 17.06 0.18
CA GLY C 164 10.67 17.34 1.51
C GLY C 164 9.90 16.55 2.56
N ARG C 165 9.98 17.02 3.80
CA ARG C 165 9.39 16.32 4.94
C ARG C 165 7.90 16.17 4.80
N VAL C 166 7.25 17.17 4.24
CA VAL C 166 5.81 17.11 4.14
C VAL C 166 5.36 16.39 2.86
N GLY C 167 6.03 16.76 1.80
CA GLY C 167 5.73 16.29 0.47
C GLY C 167 5.79 14.79 0.42
N SER C 169 5.17 12.74 2.85
CA SER C 169 4.01 12.18 3.59
C SER C 169 2.72 12.34 2.82
N VAL C 170 2.64 13.46 2.15
CA VAL C 170 1.46 13.85 1.38
C VAL C 170 1.32 12.98 0.16
N ALA C 171 2.41 12.83 -0.56
CA ALA C 171 2.39 12.04 -1.80
C ALA C 171 2.06 10.57 -1.51
N ARG C 172 2.65 10.05 -0.44
CA ARG C 172 2.49 8.65 -0.03
CA ARG C 172 2.48 8.65 -0.07
C ARG C 172 1.00 8.33 0.22
N LYS C 173 0.34 9.24 0.88
CA LYS C 173 -1.07 9.08 1.23
C LYS C 173 -2.01 9.24 0.01
N PHE C 174 -1.70 10.13 -0.92
CA PHE C 174 -2.57 10.23 -2.07
C PHE C 174 -2.47 8.94 -2.88
N ALA C 175 -1.26 8.39 -2.93
CA ALA C 175 -1.01 7.18 -3.69
C ALA C 175 -1.70 6.00 -3.04
N ALA C 176 -1.61 5.92 -1.72
CA ALA C 176 -2.19 4.77 -1.00
C ALA C 176 -3.70 4.82 -1.11
N LEU C 177 -4.20 5.99 -1.43
CA LEU C 177 -5.65 6.19 -1.64
C LEU C 177 -6.13 5.97 -3.10
N GLY C 178 -5.23 5.54 -3.96
CA GLY C 178 -5.61 5.26 -5.36
C GLY C 178 -5.47 6.37 -6.37
N ALA C 179 -4.88 7.49 -5.97
CA ALA C 179 -4.56 8.53 -6.97
C ALA C 179 -3.35 8.12 -7.82
N LYS C 180 -3.26 8.66 -9.02
CA LYS C 180 -2.09 8.44 -9.88
C LYS C 180 -1.25 9.65 -9.60
N VAL C 181 -0.25 9.42 -8.78
CA VAL C 181 0.55 10.47 -8.23
C VAL C 181 1.85 10.70 -8.94
N LYS C 182 2.08 11.96 -9.22
CA LYS C 182 3.36 12.35 -9.81
C LYS C 182 3.92 13.40 -8.87
N VAL C 183 5.22 13.33 -8.69
CA VAL C 183 5.91 14.25 -7.78
C VAL C 183 7.01 15.01 -8.54
N GLY C 184 6.95 16.31 -8.37
CA GLY C 184 7.94 17.23 -8.97
C GLY C 184 9.00 17.67 -7.98
N ALA C 185 10.25 17.60 -8.42
CA ALA C 185 11.40 18.03 -7.58
C ALA C 185 12.61 18.29 -8.43
N ARG C 186 13.57 18.98 -7.87
CA ARG C 186 14.78 19.29 -8.60
C ARG C 186 15.94 18.30 -8.40
N GLU C 187 16.07 17.79 -7.19
CA GLU C 187 17.22 16.91 -6.81
C GLU C 187 17.10 15.47 -7.34
N SER C 188 18.20 15.00 -7.91
CA SER C 188 18.23 13.66 -8.53
C SER C 188 17.96 12.55 -7.51
N ASP C 189 18.39 12.74 -6.29
CA ASP C 189 18.22 11.70 -5.27
C ASP C 189 16.74 11.63 -4.96
N LEU C 190 16.11 12.79 -4.91
CA LEU C 190 14.68 12.85 -4.61
C LEU C 190 13.83 12.27 -5.74
N LEU C 191 14.28 12.50 -6.96
CA LEU C 191 13.56 11.99 -8.15
C LEU C 191 13.68 10.47 -8.18
N ALA C 192 14.82 10.01 -7.70
CA ALA C 192 15.10 8.57 -7.60
C ALA C 192 14.15 7.97 -6.59
N ARG C 193 14.02 8.67 -5.45
CA ARG C 193 13.18 8.21 -4.33
C ARG C 193 11.72 8.11 -4.77
N ILE C 194 11.26 9.13 -5.46
CA ILE C 194 9.88 9.14 -5.98
C ILE C 194 9.60 7.87 -6.81
N ALA C 195 10.56 7.51 -7.61
CA ALA C 195 10.47 6.34 -8.50
C ALA C 195 10.40 5.11 -7.63
N GLU C 196 11.33 5.06 -6.68
CA GLU C 196 11.35 3.93 -5.73
C GLU C 196 10.03 3.78 -4.99
N GLY C 198 7.24 4.17 -6.31
CA GLY C 198 6.27 3.75 -7.33
C GLY C 198 5.41 4.87 -7.82
N GLU C 200 5.45 8.72 -10.11
CA GLU C 200 6.06 9.26 -11.33
C GLU C 200 6.83 10.54 -11.04
N PRO C 201 8.16 10.50 -11.14
CA PRO C 201 8.88 11.74 -10.89
C PRO C 201 8.97 12.59 -12.10
N PHE C 202 9.13 13.87 -11.87
CA PHE C 202 9.42 14.80 -12.95
C PHE C 202 10.26 15.96 -12.46
N HIS C 203 11.15 16.47 -13.31
CA HIS C 203 11.97 17.60 -12.88
C HIS C 203 11.05 18.80 -12.80
N ILE C 204 11.20 19.48 -11.68
CA ILE C 204 10.34 20.61 -11.34
C ILE C 204 10.32 21.67 -12.43
N SER C 205 11.36 21.70 -13.24
CA SER C 205 11.49 22.72 -14.30
C SER C 205 10.54 22.46 -15.45
N LYS C 206 9.93 21.29 -15.44
CA LYS C 206 9.00 20.89 -16.48
C LYS C 206 7.55 20.91 -16.01
N ALA C 207 7.30 21.64 -14.94
CA ALA C 207 5.94 21.72 -14.36
C ALA C 207 4.85 22.02 -15.36
N ALA C 208 5.09 22.97 -16.23
CA ALA C 208 4.09 23.45 -17.19
C ALA C 208 3.61 22.31 -18.06
N GLN C 209 4.57 21.53 -18.49
CA GLN C 209 4.27 20.38 -19.36
C GLN C 209 3.61 19.29 -18.56
N GLU C 210 4.15 19.06 -17.38
CA GLU C 210 3.72 17.89 -16.61
C GLU C 210 2.37 18.02 -15.91
N LEU C 211 1.94 19.26 -15.71
CA LEU C 211 0.69 19.52 -14.95
C LEU C 211 -0.53 19.79 -15.81
N ARG C 212 -0.37 19.63 -17.11
CA ARG C 212 -1.46 19.93 -18.04
C ARG C 212 -2.63 18.96 -17.95
N ASP C 213 -2.42 17.83 -17.30
CA ASP C 213 -3.49 16.83 -17.15
C ASP C 213 -3.80 16.53 -15.69
N VAL C 214 -3.25 17.35 -14.81
CA VAL C 214 -3.41 17.16 -13.37
C VAL C 214 -4.72 17.70 -12.83
N ASP C 215 -5.31 16.86 -12.00
CA ASP C 215 -6.61 17.16 -11.40
C ASP C 215 -6.52 17.88 -10.06
N VAL C 216 -5.51 17.50 -9.28
CA VAL C 216 -5.25 18.11 -7.97
C VAL C 216 -3.75 18.27 -7.84
N CYS C 217 -3.36 19.47 -7.52
CA CYS C 217 -1.96 19.80 -7.34
C CYS C 217 -1.72 20.36 -5.94
N ILE C 218 -0.84 19.69 -5.21
CA ILE C 218 -0.48 20.10 -3.85
C ILE C 218 0.93 20.63 -3.84
N ASN C 219 1.07 21.92 -3.53
CA ASN C 219 2.41 22.48 -3.42
C ASN C 219 2.95 22.47 -2.01
N THR C 220 4.20 22.01 -1.87
CA THR C 220 4.94 22.10 -0.60
C THR C 220 6.20 22.96 -0.78
N ILE C 221 6.54 23.35 -2.01
CA ILE C 221 7.78 24.11 -2.26
C ILE C 221 7.62 25.60 -1.88
N PRO C 222 8.51 26.13 -1.04
CA PRO C 222 8.38 27.54 -0.63
C PRO C 222 9.05 28.47 -1.57
N ALA C 223 8.46 28.52 -2.74
CA ALA C 223 8.93 29.36 -3.83
C ALA C 223 7.90 29.30 -4.94
N LEU C 224 7.95 30.32 -5.78
CA LEU C 224 7.00 30.45 -6.87
C LEU C 224 7.21 29.39 -7.95
N VAL C 225 6.42 28.31 -7.84
CA VAL C 225 6.51 27.20 -8.80
C VAL C 225 5.26 27.05 -9.64
N VAL C 226 4.12 27.36 -9.05
CA VAL C 226 2.86 27.27 -9.76
C VAL C 226 2.62 28.66 -10.30
N THR C 227 3.38 28.95 -11.35
CA THR C 227 3.35 30.23 -12.00
C THR C 227 2.18 30.33 -12.97
N ALA C 228 2.03 31.52 -13.54
CA ALA C 228 0.98 31.79 -14.51
C ALA C 228 1.06 30.82 -15.69
N ASN C 229 2.27 30.60 -16.21
CA ASN C 229 2.45 29.72 -17.39
C ASN C 229 2.10 28.30 -17.06
N VAL C 230 2.36 27.94 -15.81
CA VAL C 230 2.04 26.58 -15.38
C VAL C 230 0.53 26.49 -15.32
N LEU C 231 -0.03 27.40 -14.55
CA LEU C 231 -1.47 27.50 -14.39
C LEU C 231 -2.19 27.54 -15.74
N ALA C 232 -1.62 28.26 -16.70
CA ALA C 232 -2.27 28.43 -18.00
C ALA C 232 -2.48 27.09 -18.76
N GLU C 233 -1.63 26.13 -18.46
CA GLU C 233 -1.68 24.80 -19.13
C GLU C 233 -2.50 23.77 -18.39
N PRO C 235 -5.73 21.93 -16.42
CA PRO C 235 -7.15 21.82 -16.67
C PRO C 235 -7.88 22.85 -15.85
N SER C 236 -8.98 23.32 -16.42
CA SER C 236 -9.84 24.32 -15.80
C SER C 236 -10.43 23.93 -14.44
N HIS C 237 -10.53 22.64 -14.21
CA HIS C 237 -11.14 22.13 -12.97
C HIS C 237 -10.11 21.80 -11.90
N THR C 238 -8.83 22.06 -12.20
CA THR C 238 -7.78 21.68 -11.27
C THR C 238 -7.94 22.38 -9.92
N PHE C 239 -7.61 21.64 -8.87
CA PHE C 239 -7.64 22.19 -7.50
C PHE C 239 -6.19 22.26 -6.99
N VAL C 240 -5.75 23.47 -6.68
CA VAL C 240 -4.39 23.66 -6.17
C VAL C 240 -4.44 23.90 -4.66
N ILE C 241 -3.82 23.01 -3.91
CA ILE C 241 -3.75 23.14 -2.46
C ILE C 241 -2.31 23.53 -2.12
N ASP C 242 -2.12 24.75 -1.65
CA ASP C 242 -0.77 25.28 -1.32
C ASP C 242 -0.48 25.22 0.17
N LEU C 243 0.41 24.30 0.50
CA LEU C 243 0.79 23.99 1.85
C LEU C 243 2.02 24.78 2.24
N ALA C 244 2.69 25.40 1.28
CA ALA C 244 3.90 26.18 1.61
C ALA C 244 3.54 27.39 2.49
N SER C 245 4.46 27.75 3.37
CA SER C 245 4.26 28.92 4.25
CA SER C 245 4.21 28.91 4.25
C SER C 245 4.03 30.16 3.41
N LYS C 246 3.16 31.00 3.91
CA LYS C 246 2.81 32.31 3.29
C LYS C 246 4.07 32.96 2.77
N PRO C 247 4.02 33.50 1.55
CA PRO C 247 2.88 33.61 0.64
C PRO C 247 2.63 32.38 -0.21
N GLY C 248 3.28 31.28 0.14
CA GLY C 248 3.15 30.02 -0.58
C GLY C 248 4.02 29.99 -1.80
N GLY C 249 3.56 29.24 -2.80
CA GLY C 249 4.33 29.05 -4.03
C GLY C 249 3.49 29.09 -5.29
N THR C 250 2.40 29.83 -5.21
CA THR C 250 1.45 29.92 -6.32
C THR C 250 1.10 31.34 -6.72
N ASP C 251 0.92 31.52 -8.02
CA ASP C 251 0.44 32.82 -8.54
C ASP C 251 -1.08 32.85 -8.39
N PHE C 252 -1.49 33.16 -7.15
CA PHE C 252 -2.91 33.19 -6.76
C PHE C 252 -3.70 34.22 -7.53
N ARG C 253 -3.03 35.28 -7.98
CA ARG C 253 -3.75 36.31 -8.70
C ARG C 253 -4.09 35.75 -10.07
N TYR C 254 -3.14 35.06 -10.68
CA TYR C 254 -3.39 34.51 -12.03
C TYR C 254 -4.38 33.35 -11.99
N ALA C 255 -4.27 32.53 -10.94
CA ALA C 255 -5.15 31.35 -10.81
C ALA C 255 -6.58 31.83 -10.82
N GLU C 256 -6.79 32.80 -9.96
CA GLU C 256 -8.08 33.44 -9.78
C GLU C 256 -8.59 34.00 -11.11
N LYS C 257 -7.70 34.66 -11.83
CA LYS C 257 -8.02 35.26 -13.10
C LYS C 257 -8.46 34.22 -14.13
N ARG C 258 -7.81 33.06 -14.15
CA ARG C 258 -8.18 32.06 -15.15
C ARG C 258 -9.14 31.01 -14.59
N GLY C 259 -9.67 31.32 -13.42
CA GLY C 259 -10.68 30.48 -12.78
C GLY C 259 -10.21 29.15 -12.22
N ILE C 260 -8.92 29.05 -11.92
CA ILE C 260 -8.42 27.86 -11.24
C ILE C 260 -8.59 28.10 -9.74
N LYS C 261 -9.23 27.17 -9.07
CA LYS C 261 -9.40 27.23 -7.60
C LYS C 261 -8.10 26.84 -6.89
N ALA C 262 -7.53 27.82 -6.22
CA ALA C 262 -6.27 27.66 -5.51
C ALA C 262 -6.38 28.23 -4.10
N LEU C 263 -5.96 27.45 -3.13
CA LEU C 263 -6.02 27.87 -1.72
C LEU C 263 -4.69 27.71 -0.98
N LEU C 264 -4.38 28.71 -0.16
CA LEU C 264 -3.22 28.71 0.71
C LEU C 264 -3.77 28.18 2.04
N VAL C 265 -3.38 26.97 2.41
CA VAL C 265 -3.99 26.27 3.56
C VAL C 265 -3.08 25.93 4.74
N PRO C 266 -2.87 26.89 5.64
CA PRO C 266 -2.08 26.58 6.83
C PRO C 266 -2.92 26.09 7.98
N GLY C 267 -2.23 25.58 8.99
CA GLY C 267 -2.83 25.19 10.26
C GLY C 267 -3.67 23.94 10.25
N LEU C 268 -3.52 23.13 9.19
CA LEU C 268 -4.32 21.88 9.08
C LEU C 268 -4.24 20.97 10.30
N PRO C 269 -3.05 20.79 10.91
CA PRO C 269 -2.99 19.92 12.11
C PRO C 269 -3.84 20.43 13.27
N GLY C 270 -3.97 21.75 13.36
CA GLY C 270 -4.76 22.36 14.43
C GLY C 270 -6.24 22.19 14.14
N ILE C 271 -6.53 22.01 12.87
CA ILE C 271 -7.94 21.85 12.43
C ILE C 271 -8.38 20.39 12.47
N VAL C 272 -7.50 19.49 12.06
CA VAL C 272 -7.90 18.10 11.95
C VAL C 272 -7.40 17.16 13.02
N ALA C 273 -6.32 17.47 13.71
CA ALA C 273 -5.83 16.55 14.75
C ALA C 273 -5.18 17.32 15.88
N PRO C 274 -5.89 18.31 16.43
CA PRO C 274 -5.28 19.19 17.43
C PRO C 274 -4.77 18.49 18.70
N LYS C 275 -5.43 17.40 19.08
CA LYS C 275 -5.03 16.67 20.28
C LYS C 275 -3.69 16.00 20.01
N THR C 276 -3.63 15.27 18.88
CA THR C 276 -2.41 14.56 18.49
C THR C 276 -1.27 15.58 18.33
N ALA C 277 -1.53 16.62 17.57
CA ALA C 277 -0.49 17.61 17.27
C ALA C 277 -0.06 18.38 18.50
N GLY C 278 -1.02 18.72 19.34
CA GLY C 278 -0.71 19.47 20.53
C GLY C 278 0.11 18.71 21.55
N ARG C 279 -0.17 17.42 21.67
CA ARG C 279 0.50 16.56 22.65
C ARG C 279 1.94 16.38 22.24
N ILE C 280 2.15 16.36 20.94
CA ILE C 280 3.51 16.24 20.44
C ILE C 280 4.31 17.47 20.86
N LEU C 281 3.69 18.64 20.72
CA LEU C 281 4.36 19.90 21.08
C LEU C 281 4.58 20.01 22.56
N ALA C 282 3.56 19.58 23.28
CA ALA C 282 3.57 19.66 24.76
C ALA C 282 4.72 18.86 25.29
N ASP C 283 4.84 17.66 24.76
CA ASP C 283 5.91 16.75 25.18
C ASP C 283 7.30 17.34 24.98
N VAL C 284 7.50 17.96 23.83
CA VAL C 284 8.83 18.50 23.52
C VAL C 284 9.08 19.75 24.37
N LEU C 285 8.01 20.49 24.60
CA LEU C 285 8.09 21.76 25.33
C LEU C 285 8.45 21.51 26.79
N VAL C 286 7.85 20.47 27.35
CA VAL C 286 8.11 20.12 28.75
C VAL C 286 9.59 19.83 28.90
N LYS C 287 10.13 19.11 27.93
CA LYS C 287 11.55 18.70 27.94
C LYS C 287 12.49 19.90 27.78
N LEU C 288 12.15 20.77 26.84
CA LEU C 288 12.97 21.95 26.50
C LEU C 288 12.99 22.98 27.59
N LEU C 289 11.85 23.11 28.25
CA LEU C 289 11.68 24.12 29.32
C LEU C 289 12.36 23.67 30.59
N ALA C 290 12.54 22.36 30.66
CA ALA C 290 13.11 21.69 31.84
C ALA C 290 14.63 21.59 31.78
N GLU C 291 15.20 22.20 30.76
CA GLU C 291 16.65 22.24 30.57
C GLU C 291 17.19 23.45 31.29
N GLY D 1 27.79 8.17 -30.44
CA GLY D 1 28.91 8.91 -31.16
C GLY D 1 29.80 9.66 -30.17
N LEU D 3 31.90 9.71 -26.92
CA LEU D 3 32.84 8.70 -26.39
C LEU D 3 33.77 8.24 -27.49
N THR D 4 33.44 8.62 -28.72
CA THR D 4 34.36 8.36 -29.85
C THR D 4 35.67 9.01 -29.44
N GLY D 5 36.76 8.30 -29.63
CA GLY D 5 38.10 8.80 -29.29
C GLY D 5 38.51 8.48 -27.86
N LYS D 6 37.64 7.76 -27.15
CA LYS D 6 37.95 7.36 -25.77
C LYS D 6 38.14 5.85 -25.61
N HIS D 7 39.11 5.52 -24.79
CA HIS D 7 39.50 4.14 -24.54
C HIS D 7 39.31 3.79 -23.07
N VAL D 8 38.36 2.90 -22.81
CA VAL D 8 38.10 2.41 -21.46
C VAL D 8 38.46 0.93 -21.34
N VAL D 9 38.94 0.59 -20.14
CA VAL D 9 39.26 -0.80 -19.79
C VAL D 9 38.28 -1.24 -18.72
N ILE D 10 37.54 -2.29 -19.07
CA ILE D 10 36.54 -2.88 -18.22
C ILE D 10 37.13 -4.20 -17.71
N ILE D 11 37.24 -4.25 -16.40
CA ILE D 11 37.85 -5.37 -15.68
C ILE D 11 36.86 -6.01 -14.77
N GLY D 12 36.58 -7.27 -15.08
CA GLY D 12 35.64 -8.11 -14.33
C GLY D 12 34.26 -7.54 -14.18
N GLY D 13 33.54 -8.17 -13.25
CA GLY D 13 32.18 -7.79 -12.89
C GLY D 13 31.24 -8.97 -12.94
N ASP D 14 29.96 -8.63 -12.97
CA ASP D 14 28.96 -9.64 -13.10
C ASP D 14 28.06 -9.36 -14.29
N ALA D 15 26.87 -9.94 -14.28
CA ALA D 15 25.97 -9.85 -15.44
C ALA D 15 25.62 -8.43 -15.76
N ARG D 16 25.66 -7.56 -14.77
CA ARG D 16 25.24 -6.17 -15.02
C ARG D 16 26.28 -5.45 -15.89
N GLN D 17 27.52 -5.94 -15.88
CA GLN D 17 28.58 -5.35 -16.71
C GLN D 17 28.30 -5.51 -18.21
N LEU D 18 27.48 -6.48 -18.55
CA LEU D 18 27.12 -6.76 -19.92
C LEU D 18 26.39 -5.56 -20.50
N GLU D 19 25.62 -4.89 -19.65
CA GLU D 19 24.84 -3.71 -20.10
C GLU D 19 25.75 -2.53 -20.32
N ILE D 20 26.76 -2.48 -19.47
CA ILE D 20 27.73 -1.39 -19.53
C ILE D 20 28.54 -1.51 -20.81
N ILE D 21 28.96 -2.74 -21.10
CA ILE D 21 29.80 -3.02 -22.29
C ILE D 21 29.08 -2.63 -23.55
N ARG D 22 27.85 -3.08 -23.56
CA ARG D 22 26.92 -2.90 -24.68
C ARG D 22 26.69 -1.43 -24.99
N LYS D 23 26.39 -0.66 -23.96
CA LYS D 23 26.03 0.74 -24.16
C LYS D 23 27.25 1.55 -24.56
N LEU D 24 28.36 1.31 -23.89
CA LEU D 24 29.60 2.06 -24.21
C LEU D 24 30.02 1.76 -25.64
N SER D 25 29.79 0.52 -26.05
CA SER D 25 30.13 0.05 -27.39
C SER D 25 29.37 0.82 -28.46
N THR D 26 28.07 0.95 -28.21
CA THR D 26 27.18 1.61 -29.17
C THR D 26 27.55 3.09 -29.25
N PHE D 27 27.97 3.62 -28.11
CA PHE D 27 28.44 5.02 -28.01
C PHE D 27 29.83 5.20 -28.57
N ASP D 28 30.30 4.15 -29.22
CA ASP D 28 31.55 4.18 -29.96
C ASP D 28 32.83 4.33 -29.14
N ALA D 29 32.79 3.88 -27.90
CA ALA D 29 34.02 3.85 -27.09
C ALA D 29 34.85 2.64 -27.52
N LYS D 30 36.17 2.77 -27.37
CA LYS D 30 37.10 1.67 -27.61
C LYS D 30 37.23 0.99 -26.27
N ILE D 31 36.90 -0.30 -26.24
CA ILE D 31 36.87 -1.10 -25.03
C ILE D 31 37.82 -2.27 -25.03
N SER D 32 38.67 -2.27 -24.01
CA SER D 32 39.59 -3.38 -23.71
C SER D 32 38.89 -4.16 -22.60
N LEU D 33 38.54 -5.41 -22.90
CA LEU D 33 37.74 -6.25 -21.97
C LEU D 33 38.53 -7.37 -21.35
N VAL D 34 38.68 -7.27 -20.03
CA VAL D 34 39.46 -8.21 -19.25
C VAL D 34 38.58 -8.97 -18.25
N GLY D 35 38.70 -10.29 -18.27
CA GLY D 35 37.96 -11.15 -17.35
C GLY D 35 36.64 -11.66 -17.90
N PHE D 36 36.55 -11.65 -19.22
CA PHE D 36 35.34 -12.10 -19.88
C PHE D 36 35.62 -13.18 -20.90
N ASP D 37 36.69 -13.92 -20.71
CA ASP D 37 37.05 -14.97 -21.69
C ASP D 37 35.95 -15.99 -21.97
N GLN D 38 35.08 -16.19 -21.01
CA GLN D 38 33.98 -17.17 -21.10
C GLN D 38 32.80 -16.60 -21.89
N LEU D 39 32.88 -15.31 -22.17
CA LEU D 39 31.84 -14.61 -22.95
C LEU D 39 32.19 -14.75 -24.44
N ASP D 40 31.18 -14.78 -25.30
CA ASP D 40 31.41 -14.87 -26.75
C ASP D 40 30.55 -13.92 -27.60
N GLY D 42 31.08 -10.74 -27.84
CA GLY D 42 31.36 -10.05 -29.11
C GLY D 42 30.59 -8.75 -29.26
N PHE D 43 31.35 -7.67 -29.39
CA PHE D 43 30.81 -6.30 -29.53
C PHE D 43 31.74 -5.40 -30.30
N ILE D 44 31.14 -4.45 -30.99
CA ILE D 44 31.93 -3.48 -31.75
C ILE D 44 32.82 -2.72 -30.78
N GLY D 45 34.10 -2.65 -31.13
CA GLY D 45 35.10 -1.93 -30.34
C GLY D 45 35.59 -2.72 -29.13
N VAL D 46 34.93 -3.84 -28.83
CA VAL D 46 35.38 -4.69 -27.70
C VAL D 46 36.49 -5.66 -28.10
N THR D 47 37.60 -5.52 -27.38
CA THR D 47 38.75 -6.43 -27.55
C THR D 47 39.05 -7.10 -26.24
N LYS D 48 38.86 -8.42 -26.26
CA LYS D 48 39.16 -9.26 -25.10
C LYS D 48 40.64 -9.46 -24.99
N ARG D 50 43.98 -10.25 -21.74
CA ARG D 50 44.48 -10.46 -20.39
C ARG D 50 44.96 -9.12 -19.80
N ILE D 51 44.97 -9.05 -18.48
CA ILE D 51 45.30 -7.77 -17.82
C ILE D 51 46.70 -7.30 -18.15
N ASP D 52 47.58 -8.28 -18.32
CA ASP D 52 49.00 -8.02 -18.63
C ASP D 52 49.25 -7.54 -20.07
N GLU D 53 48.19 -7.50 -20.85
CA GLU D 53 48.25 -7.10 -22.26
C GLU D 53 47.71 -5.69 -22.50
N VAL D 54 47.04 -5.15 -21.48
CA VAL D 54 46.42 -3.83 -21.60
C VAL D 54 47.40 -2.72 -21.88
N ASP D 55 46.99 -1.88 -22.81
CA ASP D 55 47.79 -0.71 -23.27
C ASP D 55 47.44 0.48 -22.41
N TRP D 56 47.95 0.40 -21.18
CA TRP D 56 47.64 1.37 -20.13
C TRP D 56 47.79 2.83 -20.58
N ASN D 57 48.78 3.02 -21.42
CA ASN D 57 49.16 4.37 -21.83
C ASN D 57 48.09 5.20 -22.55
N THR D 58 47.07 4.53 -23.04
CA THR D 58 46.04 5.21 -23.82
C THR D 58 44.68 5.13 -23.18
N VAL D 59 44.66 4.58 -21.98
CA VAL D 59 43.44 4.35 -21.20
C VAL D 59 42.90 5.58 -20.51
N ASP D 60 41.70 5.99 -20.91
CA ASP D 60 41.06 7.18 -20.33
C ASP D 60 40.33 6.80 -19.07
N ALA D 61 39.86 5.57 -18.99
CA ALA D 61 39.16 5.11 -17.79
C ALA D 61 39.27 3.61 -17.57
N ILE D 62 39.26 3.27 -16.29
CA ILE D 62 39.28 1.90 -15.80
C ILE D 62 37.96 1.69 -15.09
N LEU D 63 37.18 0.73 -15.57
CA LEU D 63 35.89 0.39 -14.96
C LEU D 63 35.98 -0.94 -14.18
N LEU D 64 35.88 -0.79 -12.86
CA LEU D 64 35.88 -1.93 -11.92
C LEU D 64 34.45 -2.38 -11.58
N PRO D 65 34.29 -3.59 -11.05
CA PRO D 65 32.94 -3.97 -10.65
C PRO D 65 32.43 -3.11 -9.51
N ILE D 66 31.15 -3.21 -9.20
CA ILE D 66 30.60 -2.40 -8.11
C ILE D 66 31.40 -2.67 -6.83
N SER D 67 31.87 -3.90 -6.70
CA SER D 67 32.60 -4.37 -5.49
C SER D 67 34.05 -3.89 -5.46
N GLY D 68 34.48 -3.25 -6.53
CA GLY D 68 35.86 -2.79 -6.67
C GLY D 68 36.88 -3.91 -6.74
N THR D 69 37.74 -3.95 -5.74
CA THR D 69 38.75 -5.02 -5.62
C THR D 69 38.71 -5.55 -4.20
N ASN D 70 39.47 -6.59 -3.92
CA ASN D 70 39.61 -7.03 -2.53
C ASN D 70 40.85 -6.32 -2.03
N GLU D 71 41.31 -6.73 -0.87
CA GLU D 71 42.47 -6.04 -0.23
C GLU D 71 43.81 -6.36 -0.86
N ALA D 72 43.78 -7.33 -1.76
CA ALA D 72 44.99 -7.77 -2.46
C ALA D 72 44.93 -7.28 -3.90
N GLY D 73 43.93 -6.45 -4.17
CA GLY D 73 43.72 -5.89 -5.52
C GLY D 73 43.18 -6.87 -6.54
N LYS D 74 42.61 -7.95 -6.03
CA LYS D 74 41.97 -8.98 -6.84
C LYS D 74 40.66 -8.42 -7.33
N VAL D 75 40.39 -8.61 -8.62
CA VAL D 75 39.13 -8.15 -9.20
C VAL D 75 38.24 -9.33 -9.51
N ASP D 76 37.05 -9.34 -8.92
CA ASP D 76 36.06 -10.44 -9.13
C ASP D 76 35.40 -10.42 -10.48
N THR D 77 35.15 -11.63 -10.97
CA THR D 77 34.49 -11.85 -12.27
C THR D 77 33.83 -13.21 -12.35
N ILE D 78 32.60 -13.24 -12.85
CA ILE D 78 31.87 -14.50 -13.07
C ILE D 78 32.08 -15.00 -14.49
N PHE D 79 32.82 -14.25 -15.29
CA PHE D 79 33.02 -14.63 -16.71
C PHE D 79 34.40 -15.17 -16.98
N SER D 80 35.05 -15.55 -15.90
CA SER D 80 36.42 -16.05 -15.94
C SER D 80 36.86 -16.71 -14.65
N ASN D 81 37.72 -17.70 -14.83
CA ASN D 81 38.30 -18.47 -13.73
C ASN D 81 39.70 -17.98 -13.42
N GLU D 82 40.16 -17.09 -14.30
CA GLU D 82 41.47 -16.47 -14.17
C GLU D 82 41.43 -15.42 -13.08
N SER D 83 42.53 -15.31 -12.35
CA SER D 83 42.65 -14.31 -11.27
C SER D 83 43.24 -13.03 -11.82
N ILE D 84 42.56 -11.94 -11.56
CA ILE D 84 42.95 -10.64 -12.08
C ILE D 84 43.29 -9.70 -10.95
N VAL D 85 44.54 -9.27 -10.91
CA VAL D 85 44.98 -8.35 -9.86
C VAL D 85 45.38 -6.99 -10.42
N LEU D 86 44.69 -5.97 -9.93
CA LEU D 86 44.98 -4.59 -10.35
C LEU D 86 46.11 -4.06 -9.51
N THR D 87 47.23 -3.81 -10.18
CA THR D 87 48.42 -3.30 -9.50
C THR D 87 48.58 -1.83 -9.68
N GLU D 88 49.46 -1.31 -8.85
CA GLU D 88 49.76 0.10 -8.81
C GLU D 88 50.69 0.43 -9.97
N GLU D 89 51.45 -0.59 -10.34
CA GLU D 89 52.37 -0.49 -11.47
C GLU D 89 51.58 -0.26 -12.76
N ILE D 91 48.45 1.21 -12.89
CA ILE D 91 47.74 2.47 -12.80
C ILE D 91 48.59 3.67 -13.16
N GLU D 92 49.84 3.66 -12.71
CA GLU D 92 50.73 4.80 -12.93
C GLU D 92 51.14 4.94 -14.40
N LYS D 93 50.94 3.87 -15.15
CA LYS D 93 51.24 3.83 -16.59
C LYS D 93 50.12 4.46 -17.44
N THR D 94 49.02 4.81 -16.79
CA THR D 94 47.88 5.43 -17.47
C THR D 94 48.16 6.93 -17.55
N PRO D 95 47.50 7.64 -18.47
CA PRO D 95 47.73 9.07 -18.47
C PRO D 95 47.16 9.72 -17.22
N ASN D 96 47.68 10.89 -16.95
CA ASN D 96 47.33 11.68 -15.78
C ASN D 96 45.84 11.79 -15.54
N HIS D 97 45.08 11.91 -16.62
CA HIS D 97 43.63 12.16 -16.54
C HIS D 97 42.79 10.92 -16.37
N CYS D 98 43.43 9.77 -16.38
CA CYS D 98 42.70 8.51 -16.25
C CYS D 98 41.99 8.42 -14.90
N VAL D 99 40.71 8.11 -14.99
CA VAL D 99 39.80 7.98 -13.81
C VAL D 99 39.35 6.54 -13.64
N VAL D 100 39.35 6.10 -12.38
CA VAL D 100 38.93 4.78 -12.01
C VAL D 100 37.52 4.84 -11.44
N TYR D 101 36.68 3.96 -11.95
CA TYR D 101 35.29 3.88 -11.53
C TYR D 101 35.04 2.58 -10.84
N SER D 102 34.37 2.71 -9.72
CA SER D 102 33.95 1.59 -8.91
C SER D 102 32.58 1.84 -8.29
N GLY D 103 32.11 0.87 -7.54
CA GLY D 103 30.83 1.01 -6.79
C GLY D 103 31.25 1.55 -5.45
N ILE D 104 32.06 0.72 -4.81
CA ILE D 104 32.66 1.01 -3.51
C ILE D 104 34.15 0.87 -3.60
N SER D 105 34.79 1.24 -2.51
CA SER D 105 36.23 1.14 -2.43
C SER D 105 36.66 0.39 -1.17
N ASN D 106 37.96 0.43 -0.95
CA ASN D 106 38.56 -0.16 0.24
C ASN D 106 39.94 0.45 0.48
N THR D 107 40.62 -0.06 1.49
CA THR D 107 41.91 0.51 1.89
C THR D 107 42.94 0.31 0.77
N TYR D 108 42.87 -0.83 0.10
CA TYR D 108 43.80 -1.16 -0.99
C TYR D 108 43.71 -0.23 -2.17
N LEU D 109 42.49 -0.12 -2.66
CA LEU D 109 42.18 0.65 -3.85
C LEU D 109 42.45 2.12 -3.56
N ASN D 110 42.03 2.56 -2.39
CA ASN D 110 42.23 3.97 -1.96
C ASN D 110 43.71 4.32 -1.89
N GLN D 111 44.49 3.30 -1.58
CA GLN D 111 45.93 3.44 -1.43
C GLN D 111 46.55 3.64 -2.80
N CYS D 112 46.08 2.87 -3.75
CA CYS D 112 46.57 2.93 -5.12
C CYS D 112 46.36 4.28 -5.75
N LYS D 114 46.05 7.15 -4.19
CA LYS D 114 46.90 8.14 -3.54
C LYS D 114 48.28 8.09 -4.12
N LYS D 115 48.85 6.89 -4.11
CA LYS D 115 50.23 6.67 -4.58
C LYS D 115 50.45 7.00 -6.05
N THR D 116 49.41 6.77 -6.84
CA THR D 116 49.51 6.96 -8.29
C THR D 116 48.97 8.31 -8.68
N ASN D 117 48.31 8.95 -7.70
CA ASN D 117 47.70 10.26 -7.88
C ASN D 117 46.68 10.21 -9.00
N ARG D 118 45.73 9.28 -8.86
CA ARG D 118 44.62 9.13 -9.80
C ARG D 118 43.26 9.28 -9.11
N THR D 119 42.32 9.81 -9.87
CA THR D 119 40.96 10.02 -9.40
C THR D 119 40.15 8.72 -9.38
N LEU D 120 39.50 8.48 -8.26
CA LEU D 120 38.61 7.34 -8.10
C LEU D 120 37.21 7.84 -7.91
N VAL D 121 36.29 7.32 -8.70
CA VAL D 121 34.88 7.66 -8.54
C VAL D 121 34.10 6.44 -8.05
N LYS D 122 33.47 6.60 -6.89
CA LYS D 122 32.63 5.58 -6.26
C LYS D 122 31.16 5.86 -6.50
N LEU D 123 30.59 5.12 -7.43
CA LEU D 123 29.23 5.40 -7.91
C LEU D 123 28.15 5.26 -6.87
N GLU D 125 28.27 6.25 -4.02
CA GLU D 125 28.25 7.44 -3.16
C GLU D 125 27.27 8.48 -3.72
N ARG D 126 26.85 8.27 -4.97
CA ARG D 126 25.83 9.14 -5.60
C ARG D 126 24.46 8.61 -5.14
N ASP D 127 23.82 9.42 -4.34
CA ASP D 127 22.57 9.04 -3.71
C ASP D 127 21.52 8.59 -4.70
N ASP D 128 21.56 9.17 -5.89
CA ASP D 128 20.54 8.84 -6.87
C ASP D 128 20.72 7.41 -7.33
N ILE D 129 21.98 7.08 -7.60
CA ILE D 129 22.37 5.74 -8.11
C ILE D 129 22.11 4.71 -7.02
N ALA D 130 22.51 5.07 -5.80
CA ALA D 130 22.31 4.19 -4.62
C ALA D 130 20.84 3.89 -4.44
N ILE D 131 20.01 4.90 -4.65
CA ILE D 131 18.57 4.74 -4.48
C ILE D 131 17.94 3.84 -5.58
N TYR D 132 18.31 4.11 -6.82
CA TYR D 132 17.80 3.28 -7.93
C TYR D 132 18.27 1.84 -7.68
N ASN D 133 19.48 1.70 -7.15
CA ASN D 133 20.10 0.36 -6.96
C ASN D 133 19.47 -0.44 -5.80
N SER D 134 18.84 0.29 -4.89
CA SER D 134 18.23 -0.31 -3.72
C SER D 134 16.98 -1.09 -4.15
N ILE D 135 16.39 -0.72 -5.28
CA ILE D 135 15.17 -1.42 -5.73
C ILE D 135 15.49 -2.92 -6.00
N PRO D 136 16.42 -3.22 -6.93
CA PRO D 136 16.73 -4.63 -7.11
C PRO D 136 17.34 -5.27 -5.86
N THR D 137 17.97 -4.48 -5.02
CA THR D 137 18.56 -5.05 -3.77
C THR D 137 17.42 -5.53 -2.87
N ALA D 138 16.35 -4.77 -2.89
CA ALA D 138 15.17 -5.06 -2.05
C ALA D 138 14.46 -6.30 -2.58
N GLU D 139 14.41 -6.41 -3.91
CA GLU D 139 13.74 -7.55 -4.55
C GLU D 139 14.53 -8.81 -4.29
N GLY D 140 15.85 -8.71 -4.27
CA GLY D 140 16.69 -9.89 -4.00
C GLY D 140 16.59 -10.32 -2.54
N THR D 141 16.41 -9.32 -1.69
CA THR D 141 16.30 -9.57 -0.25
C THR D 141 15.01 -10.30 0.07
N ILE D 142 13.97 -9.90 -0.63
CA ILE D 142 12.62 -10.47 -0.50
C ILE D 142 12.58 -11.90 -1.01
N ALA D 145 14.49 -14.10 1.44
CA ALA D 145 13.76 -14.25 2.71
C ALA D 145 12.68 -15.31 2.55
N ILE D 146 12.03 -15.27 1.38
CA ILE D 146 10.97 -16.22 1.02
C ILE D 146 11.59 -17.59 0.80
N GLN D 147 12.70 -17.59 0.08
CA GLN D 147 13.39 -18.87 -0.19
C GLN D 147 13.79 -19.65 1.04
N HIS D 148 14.38 -18.93 2.01
CA HIS D 148 15.06 -19.57 3.15
C HIS D 148 14.22 -19.78 4.39
N THR D 149 12.95 -19.41 4.33
CA THR D 149 12.08 -19.58 5.47
C THR D 149 11.02 -20.62 5.17
N ASP D 150 10.59 -21.34 6.19
CA ASP D 150 9.57 -22.36 6.02
C ASP D 150 8.24 -21.79 6.42
N PHE D 151 8.25 -20.49 6.62
CA PHE D 151 7.03 -19.75 6.99
C PHE D 151 6.81 -18.55 6.09
N THR D 152 5.57 -18.04 6.06
CA THR D 152 5.29 -16.84 5.25
C THR D 152 5.87 -15.58 5.86
N ILE D 153 6.36 -14.71 5.00
CA ILE D 153 6.83 -13.38 5.35
C ILE D 153 5.58 -12.58 5.79
N HIS D 154 4.48 -12.85 5.10
CA HIS D 154 3.21 -12.27 5.43
C HIS D 154 2.90 -12.62 6.85
N GLY D 155 2.74 -11.63 7.69
CA GLY D 155 2.38 -11.91 9.10
C GLY D 155 3.55 -12.16 10.02
N ALA D 156 4.74 -12.16 9.47
CA ALA D 156 5.94 -12.40 10.28
C ALA D 156 6.44 -11.10 10.87
N ASN D 157 7.31 -11.23 11.86
CA ASN D 157 7.94 -10.08 12.46
C ASN D 157 9.24 -9.90 11.77
N VAL D 158 9.33 -8.78 11.06
CA VAL D 158 10.52 -8.44 10.31
C VAL D 158 11.13 -7.17 10.82
N ALA D 159 12.44 -7.21 11.03
CA ALA D 159 13.20 -6.02 11.42
C ALA D 159 14.19 -5.60 10.39
N VAL D 160 14.20 -4.31 10.11
CA VAL D 160 15.23 -3.74 9.24
C VAL D 160 16.06 -2.77 10.09
N LEU D 161 17.36 -2.96 10.05
CA LEU D 161 18.31 -2.10 10.78
C LEU D 161 18.87 -1.10 9.80
N GLY D 162 18.45 0.13 10.08
CA GLY D 162 18.85 1.31 9.32
C GLY D 162 17.78 1.77 8.36
N LEU D 163 17.60 3.08 8.29
CA LEU D 163 16.64 3.66 7.36
C LEU D 163 17.41 4.63 6.46
N GLY D 164 18.51 4.11 5.91
CA GLY D 164 19.27 4.82 4.90
C GLY D 164 18.67 4.61 3.52
N ARG D 165 19.50 4.80 2.51
CA ARG D 165 19.07 4.72 1.13
C ARG D 165 18.52 3.34 0.80
N VAL D 166 19.18 2.30 1.29
CA VAL D 166 18.72 0.94 0.99
C VAL D 166 17.65 0.47 1.99
N GLY D 167 17.82 0.88 3.24
CA GLY D 167 16.99 0.42 4.32
C GLY D 167 15.57 0.82 4.14
N SER D 169 13.98 1.35 1.33
CA SER D 169 13.43 0.57 0.24
C SER D 169 13.06 -0.82 0.66
N VAL D 170 14.01 -1.39 1.39
CA VAL D 170 13.90 -2.72 1.86
C VAL D 170 12.71 -2.76 2.83
N ALA D 171 12.66 -1.83 3.76
CA ALA D 171 11.56 -1.90 4.76
C ALA D 171 10.19 -1.77 4.10
N ARG D 172 10.11 -0.84 3.16
CA ARG D 172 8.89 -0.58 2.41
CA ARG D 172 8.86 -0.58 2.47
C ARG D 172 8.40 -1.82 1.70
N LYS D 173 9.31 -2.55 1.10
CA LYS D 173 8.89 -3.76 0.36
C LYS D 173 8.43 -4.92 1.28
N PHE D 174 9.00 -5.05 2.47
CA PHE D 174 8.55 -6.13 3.36
C PHE D 174 7.17 -5.78 3.90
N ALA D 175 6.96 -4.50 4.19
CA ALA D 175 5.66 -4.02 4.67
C ALA D 175 4.58 -4.40 3.62
N ALA D 176 4.98 -4.27 2.36
CA ALA D 176 4.11 -4.57 1.18
C ALA D 176 3.73 -6.01 1.13
N LEU D 177 4.64 -6.84 1.53
CA LEU D 177 4.44 -8.28 1.54
C LEU D 177 3.54 -8.70 2.70
N GLY D 178 3.12 -7.75 3.51
CA GLY D 178 2.28 -8.08 4.68
C GLY D 178 3.08 -8.45 5.91
N ALA D 179 4.38 -8.15 5.92
CA ALA D 179 5.19 -8.39 7.10
C ALA D 179 4.86 -7.32 8.13
N LYS D 180 5.12 -7.64 9.38
CA LYS D 180 5.00 -6.70 10.51
C LYS D 180 6.43 -6.22 10.74
N VAL D 181 6.67 -5.03 10.22
CA VAL D 181 7.98 -4.43 10.16
C VAL D 181 8.31 -3.39 11.20
N LYS D 182 9.45 -3.64 11.79
CA LYS D 182 10.03 -2.71 12.73
C LYS D 182 11.37 -2.33 12.18
N VAL D 183 11.70 -1.06 12.37
CA VAL D 183 12.94 -0.51 11.83
C VAL D 183 13.77 0.16 12.94
N GLY D 184 15.01 -0.26 13.04
CA GLY D 184 15.94 0.29 14.03
C GLY D 184 16.78 1.38 13.44
N ALA D 185 16.84 2.49 14.16
CA ALA D 185 17.64 3.65 13.73
C ALA D 185 18.08 4.51 14.92
N ARG D 186 19.12 5.30 14.69
CA ARG D 186 19.67 6.18 15.71
C ARG D 186 19.04 7.56 15.72
N GLU D 187 18.84 8.13 14.54
CA GLU D 187 18.40 9.54 14.42
C GLU D 187 16.92 9.73 14.61
N SER D 188 16.56 10.78 15.33
CA SER D 188 15.14 11.02 15.69
C SER D 188 14.23 11.30 14.48
N ASP D 189 14.81 11.90 13.44
CA ASP D 189 14.06 12.21 12.21
C ASP D 189 13.71 10.91 11.48
N LEU D 190 14.67 10.00 11.40
CA LEU D 190 14.44 8.71 10.74
C LEU D 190 13.44 7.92 11.53
N LEU D 191 13.50 8.01 12.86
CA LEU D 191 12.51 7.29 13.71
C LEU D 191 11.08 7.82 13.46
N ALA D 192 11.01 9.11 13.15
CA ALA D 192 9.74 9.78 12.86
C ALA D 192 9.20 9.31 11.50
N ARG D 193 10.11 9.18 10.55
CA ARG D 193 9.76 8.75 9.18
C ARG D 193 9.22 7.34 9.23
N ILE D 194 9.85 6.53 10.09
CA ILE D 194 9.43 5.10 10.24
C ILE D 194 7.98 5.02 10.73
N ALA D 195 7.66 5.84 11.70
CA ALA D 195 6.30 5.91 12.20
C ALA D 195 5.37 6.43 11.10
N GLU D 196 5.83 7.43 10.35
CA GLU D 196 5.00 7.99 9.29
C GLU D 196 4.69 6.90 8.27
N GLY D 198 4.13 3.97 8.68
CA GLY D 198 3.26 2.99 9.31
C GLY D 198 3.99 1.82 9.92
N GLU D 200 7.05 0.15 12.81
CA GLU D 200 7.41 0.29 14.23
C GLU D 200 8.83 0.76 14.44
N PRO D 201 9.01 2.00 14.92
CA PRO D 201 10.38 2.45 15.12
C PRO D 201 11.00 2.00 16.45
N PHE D 202 12.31 1.84 16.46
CA PHE D 202 13.03 1.62 17.73
C PHE D 202 14.42 2.15 17.61
N HIS D 203 14.97 2.67 18.70
CA HIS D 203 16.34 3.20 18.72
C HIS D 203 17.28 2.03 18.61
N ILE D 204 18.21 2.15 17.66
CA ILE D 204 19.15 1.08 17.37
C ILE D 204 19.81 0.53 18.65
N SER D 205 19.87 1.33 19.71
CA SER D 205 20.53 0.92 20.97
C SER D 205 19.72 -0.15 21.74
N LYS D 206 18.48 -0.32 21.34
CA LYS D 206 17.57 -1.25 22.03
C LYS D 206 17.35 -2.55 21.24
N ALA D 207 18.19 -2.71 20.22
CA ALA D 207 18.12 -3.88 19.32
C ALA D 207 17.98 -5.22 20.03
N ALA D 208 18.76 -5.41 21.07
CA ALA D 208 18.77 -6.72 21.78
C ALA D 208 17.39 -7.06 22.29
N GLN D 209 16.72 -6.03 22.79
CA GLN D 209 15.38 -6.15 23.37
C GLN D 209 14.33 -6.31 22.29
N GLU D 210 14.50 -5.56 21.22
CA GLU D 210 13.49 -5.51 20.16
C GLU D 210 13.55 -6.67 19.17
N LEU D 211 14.67 -7.36 19.09
CA LEU D 211 14.84 -8.44 18.09
C LEU D 211 14.53 -9.80 18.66
N ARG D 212 13.91 -9.76 19.83
CA ARG D 212 13.62 -10.93 20.64
C ARG D 212 12.52 -11.80 20.05
N ASP D 213 11.68 -11.21 19.24
CA ASP D 213 10.58 -11.95 18.63
C ASP D 213 10.56 -11.84 17.10
N VAL D 214 11.73 -11.51 16.57
CA VAL D 214 11.96 -11.33 15.12
C VAL D 214 12.25 -12.62 14.38
N ASP D 215 11.54 -12.75 13.26
CA ASP D 215 11.62 -13.96 12.40
C ASP D 215 12.68 -13.81 11.33
N VAL D 216 12.79 -12.60 10.82
CA VAL D 216 13.77 -12.22 9.80
C VAL D 216 14.31 -10.84 10.12
N CYS D 217 15.63 -10.73 10.16
CA CYS D 217 16.33 -9.47 10.42
C CYS D 217 17.26 -9.11 9.27
N ILE D 218 16.99 -7.95 8.70
CA ILE D 218 17.80 -7.42 7.60
C ILE D 218 18.65 -6.22 8.06
N ASN D 219 19.96 -6.39 7.98
CA ASN D 219 20.87 -5.28 8.32
C ASN D 219 21.34 -4.48 7.11
N THR D 220 21.28 -3.15 7.25
CA THR D 220 21.83 -2.25 6.24
C THR D 220 22.88 -1.30 6.81
N ILE D 221 23.10 -1.40 8.13
CA ILE D 221 24.06 -0.52 8.84
C ILE D 221 25.51 -1.03 8.69
N PRO D 222 26.44 -0.16 8.24
CA PRO D 222 27.84 -0.58 8.04
C PRO D 222 28.67 -0.40 9.28
N ALA D 223 28.24 -1.14 10.28
CA ALA D 223 28.87 -1.14 11.55
C ALA D 223 28.33 -2.33 12.33
N LEU D 224 29.14 -2.86 13.22
CA LEU D 224 28.75 -4.02 14.02
C LEU D 224 27.58 -3.69 14.92
N VAL D 225 26.40 -4.13 14.51
CA VAL D 225 25.16 -3.90 15.26
C VAL D 225 24.41 -5.16 15.67
N VAL D 226 24.53 -6.21 14.88
CA VAL D 226 23.90 -7.51 15.20
C VAL D 226 24.98 -8.29 15.96
N THR D 227 25.17 -7.83 17.17
CA THR D 227 26.20 -8.37 18.03
C THR D 227 25.79 -9.69 18.64
N ALA D 228 26.68 -10.23 19.45
CA ALA D 228 26.44 -11.53 20.10
C ALA D 228 25.31 -11.36 21.07
N ASN D 229 25.31 -10.17 21.67
CA ASN D 229 24.34 -9.88 22.73
C ASN D 229 22.97 -9.89 22.11
N VAL D 230 22.89 -9.34 20.91
CA VAL D 230 21.62 -9.23 20.19
C VAL D 230 21.18 -10.62 19.75
N LEU D 231 22.15 -11.30 19.15
CA LEU D 231 21.92 -12.65 18.61
C LEU D 231 21.46 -13.61 19.71
N ALA D 232 21.99 -13.46 20.91
CA ALA D 232 21.64 -14.37 21.99
C ALA D 232 20.15 -14.28 22.39
N GLU D 233 19.53 -13.17 22.05
CA GLU D 233 18.15 -12.88 22.43
C GLU D 233 17.12 -13.21 21.36
N PRO D 235 15.13 -15.38 18.34
CA PRO D 235 14.63 -16.76 18.26
C PRO D 235 15.60 -17.60 17.45
N SER D 236 15.63 -18.89 17.77
CA SER D 236 16.55 -19.83 17.13
C SER D 236 16.33 -19.96 15.63
N HIS D 237 15.12 -19.68 15.20
CA HIS D 237 14.77 -19.85 13.78
C HIS D 237 15.02 -18.60 12.94
N THR D 238 15.47 -17.52 13.57
CA THR D 238 15.67 -16.28 12.83
C THR D 238 16.68 -16.38 11.69
N PHE D 239 16.35 -15.65 10.64
CA PHE D 239 17.19 -15.53 9.46
C PHE D 239 17.71 -14.09 9.33
N VAL D 240 19.01 -13.97 9.34
CA VAL D 240 19.62 -12.65 9.23
C VAL D 240 20.25 -12.49 7.87
N ILE D 241 19.82 -11.46 7.16
CA ILE D 241 20.36 -11.10 5.85
C ILE D 241 21.11 -9.79 6.03
N ASP D 242 22.42 -9.80 5.78
CA ASP D 242 23.29 -8.62 5.95
C ASP D 242 23.73 -8.04 4.61
N LEU D 243 23.20 -6.85 4.35
CA LEU D 243 23.39 -6.13 3.10
C LEU D 243 24.48 -5.10 3.18
N ALA D 244 25.00 -4.90 4.38
CA ALA D 244 26.11 -3.93 4.59
C ALA D 244 27.40 -4.44 3.94
N SER D 245 28.21 -3.51 3.46
CA SER D 245 29.46 -3.91 2.77
C SER D 245 30.38 -4.68 3.69
N LYS D 246 31.13 -5.60 3.08
CA LYS D 246 32.15 -6.40 3.78
C LYS D 246 32.79 -5.50 4.81
N PRO D 247 32.93 -5.99 6.06
CA PRO D 247 32.60 -7.28 6.63
C PRO D 247 31.16 -7.40 7.10
N GLY D 248 30.38 -6.35 6.86
CA GLY D 248 28.98 -6.29 7.27
C GLY D 248 28.83 -5.67 8.64
N GLY D 249 27.74 -6.03 9.31
CA GLY D 249 27.42 -5.55 10.66
C GLY D 249 26.94 -6.64 11.62
N THR D 250 27.31 -7.87 11.33
CA THR D 250 26.91 -9.01 12.14
C THR D 250 28.09 -9.76 12.69
N ASP D 251 27.89 -10.31 13.89
CA ASP D 251 28.83 -11.23 14.53
C ASP D 251 28.50 -12.62 14.02
N PHE D 252 29.08 -12.92 12.86
CA PHE D 252 28.80 -14.16 12.12
C PHE D 252 29.30 -15.38 12.85
N ARG D 253 30.42 -15.21 13.54
CA ARG D 253 31.00 -16.31 14.28
C ARG D 253 29.97 -16.72 15.32
N TYR D 254 29.53 -15.75 16.11
CA TYR D 254 28.56 -16.05 17.16
C TYR D 254 27.25 -16.60 16.58
N ALA D 255 26.80 -16.06 15.45
CA ALA D 255 25.53 -16.54 14.87
C ALA D 255 25.63 -18.04 14.63
N GLU D 256 26.78 -18.43 14.09
CA GLU D 256 27.03 -19.81 13.67
C GLU D 256 26.93 -20.75 14.88
N LYS D 257 27.72 -20.41 15.89
CA LYS D 257 27.76 -21.17 17.12
C LYS D 257 26.38 -21.29 17.72
N ARG D 258 25.61 -20.22 17.63
CA ARG D 258 24.31 -20.16 18.28
C ARG D 258 23.30 -20.89 17.42
N GLY D 259 23.70 -21.13 16.18
CA GLY D 259 22.87 -21.87 15.22
C GLY D 259 21.87 -21.00 14.49
N ILE D 260 22.17 -19.70 14.49
CA ILE D 260 21.32 -18.75 13.75
C ILE D 260 21.86 -18.58 12.32
N LYS D 261 20.96 -18.75 11.35
CA LYS D 261 21.34 -18.59 9.96
C LYS D 261 21.52 -17.11 9.71
N ALA D 262 22.76 -16.72 9.43
CA ALA D 262 23.13 -15.34 9.09
C ALA D 262 23.99 -15.36 7.84
N LEU D 263 23.60 -14.54 6.87
CA LEU D 263 24.34 -14.42 5.60
C LEU D 263 24.73 -13.01 5.20
N LEU D 264 25.96 -12.87 4.68
CA LEU D 264 26.46 -11.59 4.15
C LEU D 264 26.19 -11.64 2.65
N VAL D 265 25.22 -10.86 2.19
CA VAL D 265 24.72 -10.95 0.82
C VAL D 265 24.93 -9.70 -0.07
N PRO D 266 26.10 -9.61 -0.71
CA PRO D 266 26.28 -8.54 -1.70
C PRO D 266 25.92 -8.99 -3.09
N GLY D 267 25.89 -8.03 -3.99
CA GLY D 267 25.74 -8.29 -5.42
C GLY D 267 24.35 -8.65 -5.87
N LEU D 268 23.36 -8.54 -4.97
CA LEU D 268 21.97 -8.92 -5.31
C LEU D 268 21.49 -8.35 -6.63
N PRO D 269 21.70 -7.04 -6.91
CA PRO D 269 21.23 -6.54 -8.23
C PRO D 269 21.80 -7.30 -9.43
N GLY D 270 23.06 -7.71 -9.34
CA GLY D 270 23.71 -8.45 -10.41
C GLY D 270 23.12 -9.84 -10.56
N ILE D 271 22.49 -10.29 -9.49
CA ILE D 271 21.91 -11.66 -9.50
C ILE D 271 20.45 -11.66 -9.98
N VAL D 272 19.67 -10.77 -9.38
CA VAL D 272 18.23 -10.75 -9.65
C VAL D 272 17.77 -9.76 -10.69
N ALA D 273 18.56 -8.73 -10.98
CA ALA D 273 18.13 -7.77 -12.00
C ALA D 273 19.29 -7.11 -12.76
N PRO D 274 20.20 -7.94 -13.33
CA PRO D 274 21.41 -7.43 -13.99
C PRO D 274 21.15 -6.44 -15.12
N LYS D 275 20.06 -6.62 -15.83
CA LYS D 275 19.76 -5.71 -16.96
C LYS D 275 19.39 -4.32 -16.43
N THR D 276 18.46 -4.29 -15.46
CA THR D 276 18.01 -3.00 -14.88
C THR D 276 19.18 -2.35 -14.16
N ALA D 277 19.90 -3.14 -13.38
CA ALA D 277 21.03 -2.66 -12.61
C ALA D 277 22.15 -2.15 -13.48
N GLY D 278 22.46 -2.90 -14.53
CA GLY D 278 23.55 -2.54 -15.44
C GLY D 278 23.26 -1.26 -16.22
N ARG D 279 22.01 -1.15 -16.65
CA ARG D 279 21.57 0.02 -17.41
C ARG D 279 21.67 1.32 -16.63
N ILE D 280 21.38 1.25 -15.35
CA ILE D 280 21.50 2.42 -14.47
C ILE D 280 22.94 2.90 -14.51
N LEU D 281 23.83 1.94 -14.30
CA LEU D 281 25.26 2.24 -14.25
C LEU D 281 25.73 2.74 -15.60
N ALA D 282 25.22 2.10 -16.65
CA ALA D 282 25.65 2.42 -18.03
C ALA D 282 25.30 3.87 -18.37
N ASP D 283 24.08 4.24 -18.01
CA ASP D 283 23.59 5.58 -18.30
C ASP D 283 24.42 6.65 -17.59
N VAL D 284 24.81 6.35 -16.37
CA VAL D 284 25.60 7.34 -15.61
C VAL D 284 27.03 7.40 -16.15
N LEU D 285 27.54 6.25 -16.56
CA LEU D 285 28.93 6.14 -17.06
C LEU D 285 29.09 6.87 -18.38
N VAL D 286 28.12 6.76 -19.26
CA VAL D 286 28.26 7.42 -20.59
C VAL D 286 28.32 8.95 -20.38
N LYS D 287 27.57 9.41 -19.39
CA LYS D 287 27.49 10.84 -19.05
C LYS D 287 28.81 11.30 -18.46
N LEU D 288 29.23 10.62 -17.41
CA LEU D 288 30.47 10.93 -16.70
C LEU D 288 31.68 10.88 -17.58
N LEU D 289 31.73 9.86 -18.43
CA LEU D 289 32.91 9.63 -19.28
C LEU D 289 33.04 10.71 -20.34
N ALA D 290 31.92 11.28 -20.71
CA ALA D 290 31.88 12.31 -21.78
C ALA D 290 32.23 13.69 -21.27
N GLU D 291 32.15 13.85 -19.96
CA GLU D 291 32.45 15.14 -19.33
C GLU D 291 33.90 15.52 -19.51
#